data_6EZU
#
_entry.id   6EZU
#
_cell.length_a   81.550
_cell.length_b   81.550
_cell.length_c   255.870
_cell.angle_alpha   90.00
_cell.angle_beta   90.00
_cell.angle_gamma   120.00
#
_symmetry.space_group_name_H-M   'P 31 2 1'
#
loop_
_entity.id
_entity.type
_entity.pdbx_description
1 polymer Phosphodiesterase
2 non-polymer 'ZINC ION'
3 non-polymer 'MAGNESIUM ION'
4 non-polymer "ADENOSINE-3',5'-CYCLIC-MONOPHOSPHATE"
5 non-polymer 'ADENOSINE MONOPHOSPHATE'
6 water water
#
_entity_poly.entity_id   1
_entity_poly.type   'polypeptide(L)'
_entity_poly.pdbx_seq_one_letter_code
;GPAQLNDSSGLLTTKLPSSSKLTSQNVDDGNGPFLPIHGVETPNDNELEERFSLCLDEWGVDIFEIDRLSNGHALTTVAY
RIFQKRDLLKTFCIDPHVFVRYLLRVESTYHADVPYHNSMHAADVLQTAHFLLQAEALDDVFSDLEILAVLFAAAIHDVD
HPGVTNQFLINTGHELALQYNDASVLENHHLYMAFKILTEKDCDIFANLGGKKRQTLRRMVIELVLATDMSKHMSLLADL
RTMVETKKVSGSGMLNLDNYADRIQILQNMIHCADLSNPAKPLRLYRKWTGRLIEEFFRQGDKERELSLEISPMCDRESV
EVEKSQVSFIDFVCHPLWETWCDLVHPCAQLILDTLEDNRDWYECHIKESK
;
_entity_poly.pdbx_strand_id   A,B
#
loop_
_chem_comp.id
_chem_comp.type
_chem_comp.name
_chem_comp.formula
AMP non-polymer 'ADENOSINE MONOPHOSPHATE' 'C10 H14 N5 O7 P'
CMP non-polymer ADENOSINE-3',5'-CYCLIC-MONOPHOSPHATE 'C10 H12 N5 O6 P'
MG non-polymer 'MAGNESIUM ION' 'Mg 2'
ZN non-polymer 'ZINC ION' 'Zn 2'
#
# COMPACT_ATOMS: atom_id res chain seq x y z
N LEU A 35 14.39 -17.53 -34.35
CA LEU A 35 14.82 -16.96 -33.02
C LEU A 35 16.27 -17.32 -32.70
N PRO A 36 17.20 -16.30 -32.58
CA PRO A 36 18.64 -16.54 -32.19
C PRO A 36 18.87 -17.42 -30.89
N ILE A 37 20.03 -18.10 -30.74
CA ILE A 37 20.27 -19.08 -29.63
C ILE A 37 19.92 -18.43 -28.26
N HIS A 38 20.33 -17.19 -28.03
CA HIS A 38 20.09 -16.48 -26.76
C HIS A 38 18.85 -15.56 -26.62
N GLY A 39 17.85 -15.70 -27.52
CA GLY A 39 16.66 -14.80 -27.53
C GLY A 39 16.80 -13.54 -28.40
N VAL A 40 17.66 -12.57 -28.01
CA VAL A 40 18.33 -11.58 -28.92
C VAL A 40 19.65 -12.06 -29.49
N GLU A 41 19.99 -11.49 -30.64
CA GLU A 41 21.24 -11.76 -31.31
C GLU A 41 22.32 -11.14 -30.48
N THR A 42 23.51 -11.73 -30.53
CA THR A 42 24.68 -11.06 -29.96
C THR A 42 25.96 -11.22 -30.79
N PRO A 43 26.93 -10.33 -30.53
CA PRO A 43 28.20 -10.58 -31.16
C PRO A 43 28.89 -11.85 -30.62
N ASN A 44 28.58 -12.44 -29.46
CA ASN A 44 29.49 -13.46 -28.87
C ASN A 44 28.74 -14.70 -28.45
N ASP A 45 27.95 -15.29 -29.33
CA ASP A 45 27.06 -16.40 -28.93
C ASP A 45 27.74 -17.62 -28.25
N ASN A 46 28.95 -17.93 -28.67
CA ASN A 46 29.61 -19.13 -28.23
C ASN A 46 30.24 -18.83 -26.88
N GLU A 47 30.86 -17.66 -26.69
CA GLU A 47 31.30 -17.31 -25.32
C GLU A 47 30.14 -17.42 -24.31
N LEU A 48 28.94 -16.98 -24.71
CA LEU A 48 27.90 -16.74 -23.81
C LEU A 48 27.30 -18.10 -23.50
N GLU A 49 27.25 -18.90 -24.51
CA GLU A 49 26.79 -20.27 -24.37
C GLU A 49 27.58 -20.99 -23.31
N GLU A 50 28.87 -20.96 -23.46
CA GLU A 50 29.77 -21.51 -22.47
C GLU A 50 29.58 -20.97 -21.08
N ARG A 51 29.40 -19.65 -20.94
CA ARG A 51 29.32 -19.13 -19.59
C ARG A 51 27.97 -19.51 -18.96
N PHE A 52 26.90 -19.48 -19.75
CA PHE A 52 25.59 -19.76 -19.26
C PHE A 52 25.53 -21.26 -18.91
N SER A 53 26.13 -22.12 -19.71
CA SER A 53 26.19 -23.56 -19.46
C SER A 53 26.90 -23.87 -18.18
N LEU A 54 28.02 -23.18 -17.87
CA LEU A 54 28.74 -23.37 -16.58
C LEU A 54 28.38 -22.60 -15.36
N CYS A 55 27.82 -21.39 -15.51
CA CYS A 55 27.75 -20.45 -14.42
C CYS A 55 26.30 -20.28 -13.80
N LEU A 56 25.28 -20.52 -14.53
CA LEU A 56 23.95 -20.07 -14.13
C LEU A 56 23.34 -20.81 -12.93
N ASP A 57 23.83 -21.99 -12.62
CA ASP A 57 23.59 -22.67 -11.38
C ASP A 57 24.61 -22.46 -10.38
N GLU A 58 25.54 -21.52 -10.57
CA GLU A 58 26.52 -21.14 -9.51
C GLU A 58 26.14 -19.88 -8.71
N TRP A 59 26.75 -19.78 -7.53
CA TRP A 59 26.62 -18.66 -6.65
C TRP A 59 27.39 -17.44 -7.25
N GLY A 60 26.84 -16.32 -7.51
CA GLY A 60 28.12 -15.39 -7.97
C GLY A 60 28.67 -15.51 -9.40
N VAL A 61 27.89 -14.91 -10.31
CA VAL A 61 27.99 -14.92 -11.75
C VAL A 61 28.44 -13.47 -12.04
N ASP A 62 29.24 -13.37 -13.01
CA ASP A 62 29.79 -12.11 -13.47
C ASP A 62 28.74 -11.48 -14.50
N ILE A 63 27.69 -10.88 -13.94
CA ILE A 63 26.59 -10.32 -14.72
C ILE A 63 27.21 -9.17 -15.57
N PHE A 64 28.22 -8.50 -15.08
CA PHE A 64 28.79 -7.30 -15.97
C PHE A 64 29.36 -7.78 -17.23
N GLU A 65 30.12 -8.89 -17.16
CA GLU A 65 30.68 -9.46 -18.34
C GLU A 65 29.65 -10.03 -19.26
N ILE A 66 28.65 -10.65 -18.73
CA ILE A 66 27.55 -11.16 -19.58
C ILE A 66 26.78 -10.01 -20.33
N ASP A 67 26.71 -8.87 -19.65
CA ASP A 67 26.17 -7.61 -20.27
C ASP A 67 27.04 -7.04 -21.37
N ARG A 68 28.34 -6.92 -21.10
CA ARG A 68 29.30 -6.61 -22.12
C ARG A 68 29.24 -7.60 -23.32
N LEU A 69 29.42 -8.89 -23.07
CA LEU A 69 29.33 -9.88 -24.15
C LEU A 69 27.99 -9.84 -24.97
N SER A 70 26.84 -9.55 -24.37
CA SER A 70 25.53 -9.60 -25.09
C SER A 70 25.11 -8.20 -25.58
N ASN A 71 26.06 -7.23 -25.58
CA ASN A 71 25.77 -5.88 -25.99
C ASN A 71 24.64 -5.23 -25.21
N GLY A 72 24.74 -5.23 -23.90
CA GLY A 72 23.74 -4.73 -22.97
C GLY A 72 22.43 -5.49 -22.77
N HIS A 73 22.42 -6.78 -22.97
CA HIS A 73 21.20 -7.61 -22.86
C HIS A 73 21.35 -8.74 -21.78
N ALA A 74 22.04 -8.43 -20.70
CA ALA A 74 22.10 -9.42 -19.63
C ALA A 74 20.76 -9.84 -19.07
N LEU A 75 19.88 -8.87 -18.88
CA LEU A 75 18.59 -9.16 -18.44
C LEU A 75 17.83 -10.03 -19.35
N THR A 76 17.78 -9.69 -20.63
CA THR A 76 17.07 -10.49 -21.59
C THR A 76 17.63 -11.86 -21.79
N THR A 77 18.93 -11.93 -21.94
CA THR A 77 19.56 -13.31 -22.19
C THR A 77 19.53 -14.24 -20.91
N VAL A 78 19.88 -13.66 -19.78
CA VAL A 78 19.75 -14.43 -18.51
C VAL A 78 18.29 -14.99 -18.26
N ALA A 79 17.28 -14.17 -18.51
CA ALA A 79 15.92 -14.54 -18.29
C ALA A 79 15.42 -15.57 -19.22
N TYR A 80 15.67 -15.38 -20.49
CA TYR A 80 15.38 -16.35 -21.51
C TYR A 80 15.99 -17.66 -21.16
N ARG A 81 17.30 -17.62 -20.89
CA ARG A 81 17.99 -18.87 -20.62
C ARG A 81 17.44 -19.63 -19.32
N ILE A 82 17.20 -18.93 -18.23
CA ILE A 82 16.60 -19.52 -16.94
C ILE A 82 15.19 -20.10 -17.16
N PHE A 83 14.37 -19.36 -17.96
CA PHE A 83 13.02 -19.81 -18.28
C PHE A 83 13.04 -21.01 -19.19
N GLN A 84 14.00 -21.05 -20.11
CA GLN A 84 14.34 -22.32 -20.76
C GLN A 84 14.77 -23.40 -19.84
N LYS A 85 15.79 -23.18 -19.03
CA LYS A 85 16.30 -24.29 -18.18
C LYS A 85 15.24 -24.75 -17.25
N ARG A 86 14.31 -23.86 -16.82
CA ARG A 86 13.18 -24.34 -15.94
C ARG A 86 11.91 -24.89 -16.66
N ASP A 87 11.90 -24.89 -18.01
CA ASP A 87 10.77 -25.37 -18.87
C ASP A 87 9.52 -24.47 -18.65
N LEU A 88 9.75 -23.21 -18.26
CA LEU A 88 8.67 -22.35 -17.84
C LEU A 88 7.94 -21.83 -19.09
N LEU A 89 8.61 -21.69 -20.24
CA LEU A 89 7.94 -21.32 -21.47
C LEU A 89 6.90 -22.42 -21.85
N LYS A 90 7.36 -23.63 -21.92
CA LYS A 90 6.58 -24.80 -22.21
C LYS A 90 5.39 -24.98 -21.21
N THR A 91 5.70 -24.95 -19.92
CA THR A 91 4.72 -25.23 -18.90
C THR A 91 3.59 -24.21 -18.95
N PHE A 92 3.91 -22.93 -19.11
CA PHE A 92 2.90 -21.86 -19.10
C PHE A 92 2.47 -21.41 -20.49
N CYS A 93 2.85 -22.16 -21.53
CA CYS A 93 2.51 -21.87 -22.92
C CYS A 93 2.88 -20.40 -23.21
N ILE A 94 4.08 -19.98 -22.89
CA ILE A 94 4.50 -18.65 -23.26
C ILE A 94 5.29 -18.74 -24.56
N ASP A 95 4.80 -18.01 -25.55
CA ASP A 95 5.46 -17.89 -26.84
C ASP A 95 6.82 -17.29 -26.63
N PRO A 96 7.86 -17.98 -27.11
CA PRO A 96 9.19 -17.35 -26.93
C PRO A 96 9.41 -15.95 -27.56
N HIS A 97 8.75 -15.62 -28.69
CA HIS A 97 8.91 -14.23 -29.26
C HIS A 97 8.21 -13.20 -28.36
N VAL A 98 7.10 -13.60 -27.78
CA VAL A 98 6.39 -12.69 -26.86
C VAL A 98 7.26 -12.40 -25.62
N PHE A 99 7.89 -13.44 -25.11
CA PHE A 99 8.80 -13.31 -23.93
C PHE A 99 9.96 -12.37 -24.18
N VAL A 100 10.66 -12.65 -25.25
CA VAL A 100 11.75 -11.80 -25.71
C VAL A 100 11.26 -10.39 -25.91
N ARG A 101 10.11 -10.20 -26.59
CA ARG A 101 9.63 -8.81 -26.75
C ARG A 101 9.35 -8.10 -25.42
N TYR A 102 8.70 -8.78 -24.53
CA TYR A 102 8.41 -8.16 -23.23
C TYR A 102 9.68 -7.85 -22.48
N LEU A 103 10.60 -8.83 -22.50
CA LEU A 103 11.87 -8.62 -21.78
C LEU A 103 12.65 -7.44 -22.28
N LEU A 104 12.71 -7.23 -23.59
CA LEU A 104 13.44 -6.05 -24.18
C LEU A 104 12.86 -4.72 -23.71
N ARG A 105 11.52 -4.71 -23.67
CA ARG A 105 10.81 -3.52 -23.16
C ARG A 105 11.16 -3.27 -21.67
N VAL A 106 11.10 -4.31 -20.85
CA VAL A 106 11.47 -4.13 -19.41
C VAL A 106 12.88 -3.64 -19.32
N GLU A 107 13.73 -4.33 -20.04
CA GLU A 107 15.19 -4.02 -20.08
C GLU A 107 15.42 -2.55 -20.42
N SER A 108 14.78 -2.06 -21.51
CA SER A 108 14.75 -0.60 -21.91
C SER A 108 14.25 0.35 -20.91
N THR A 109 13.32 -0.14 -20.05
CA THR A 109 12.69 0.80 -19.12
C THR A 109 13.46 0.95 -17.85
N TYR A 110 14.40 0.00 -17.55
CA TYR A 110 15.47 0.31 -16.59
C TYR A 110 16.31 1.45 -17.19
N HIS A 111 16.85 2.29 -16.32
CA HIS A 111 17.60 3.47 -16.87
C HIS A 111 19.08 3.06 -16.92
N ALA A 112 19.67 2.88 -18.10
CA ALA A 112 21.16 2.59 -18.12
C ALA A 112 22.13 3.64 -17.50
N ASP A 113 21.71 4.87 -17.43
CA ASP A 113 22.50 5.87 -16.77
C ASP A 113 22.40 5.80 -15.25
N VAL A 114 21.53 4.95 -14.66
CA VAL A 114 21.55 4.93 -13.17
C VAL A 114 22.72 3.89 -12.86
N PRO A 115 23.65 4.23 -11.97
CA PRO A 115 24.85 3.34 -11.87
C PRO A 115 24.55 1.85 -11.33
N TYR A 116 23.68 1.79 -10.31
CA TYR A 116 23.39 0.52 -9.62
C TYR A 116 22.01 -0.02 -10.10
N HIS A 117 20.92 0.78 -9.98
CA HIS A 117 19.56 0.23 -10.15
C HIS A 117 19.14 0.16 -11.60
N ASN A 118 19.90 -0.57 -12.39
CA ASN A 118 19.72 -0.69 -13.84
C ASN A 118 19.42 -2.17 -14.17
N SER A 119 19.36 -2.53 -15.46
CA SER A 119 18.94 -3.86 -15.81
C SER A 119 19.96 -4.91 -15.46
N MET A 120 21.20 -4.51 -15.21
CA MET A 120 22.22 -5.49 -14.75
C MET A 120 21.93 -5.97 -13.32
N HIS A 121 21.46 -5.04 -12.47
CA HIS A 121 21.05 -5.36 -11.09
C HIS A 121 19.89 -6.32 -11.15
N ALA A 122 18.96 -6.05 -12.04
CA ALA A 122 17.84 -6.93 -12.17
C ALA A 122 18.31 -8.36 -12.55
N ALA A 123 19.26 -8.47 -13.49
CA ALA A 123 19.69 -9.81 -14.03
C ALA A 123 20.39 -10.55 -12.91
N ASP A 124 21.12 -9.80 -12.09
CA ASP A 124 21.83 -10.38 -10.85
C ASP A 124 20.81 -11.01 -9.89
N VAL A 125 19.81 -10.20 -9.52
CA VAL A 125 18.74 -10.58 -8.61
C VAL A 125 17.94 -11.78 -9.15
N LEU A 126 17.69 -11.79 -10.46
CA LEU A 126 16.96 -12.84 -11.08
C LEU A 126 17.77 -14.13 -11.02
N GLN A 127 19.02 -14.10 -11.38
CA GLN A 127 19.89 -15.33 -11.37
C GLN A 127 20.07 -15.82 -9.89
N THR A 128 20.24 -14.93 -8.93
CA THR A 128 20.49 -15.25 -7.60
C THR A 128 19.17 -15.90 -7.04
N ALA A 129 17.98 -15.35 -7.31
CA ALA A 129 16.79 -16.00 -6.88
C ALA A 129 16.72 -17.46 -7.49
N HIS A 130 17.11 -17.59 -8.74
CA HIS A 130 17.17 -18.89 -9.45
C HIS A 130 18.09 -19.97 -8.77
N PHE A 131 19.26 -19.52 -8.30
CA PHE A 131 20.23 -20.23 -7.48
C PHE A 131 19.61 -20.56 -6.16
N LEU A 132 18.91 -19.67 -5.50
CA LEU A 132 18.43 -19.93 -4.16
C LEU A 132 17.32 -20.96 -4.07
N LEU A 133 16.50 -21.02 -5.12
CA LEU A 133 15.43 -22.10 -5.32
C LEU A 133 16.02 -23.47 -5.46
N GLN A 134 17.34 -23.64 -5.64
CA GLN A 134 17.92 -24.98 -5.87
C GLN A 134 18.30 -25.74 -4.55
N ALA A 135 18.22 -25.08 -3.44
CA ALA A 135 18.70 -25.70 -2.26
C ALA A 135 17.86 -27.00 -2.09
N GLU A 136 18.56 -28.07 -1.81
CA GLU A 136 18.00 -29.36 -1.51
C GLU A 136 16.92 -29.29 -0.39
N ALA A 137 17.10 -28.45 0.61
CA ALA A 137 16.04 -28.28 1.59
C ALA A 137 14.73 -27.71 1.04
N LEU A 138 14.76 -27.14 -0.18
CA LEU A 138 13.52 -26.65 -0.85
C LEU A 138 12.90 -27.52 -1.88
N ASP A 139 13.41 -28.73 -2.06
CA ASP A 139 13.03 -29.60 -3.19
C ASP A 139 11.57 -29.82 -3.06
N ASP A 140 10.87 -29.63 -4.21
CA ASP A 140 9.41 -29.73 -4.23
C ASP A 140 8.55 -28.94 -3.29
N VAL A 141 9.06 -27.93 -2.67
CA VAL A 141 8.25 -27.10 -1.82
C VAL A 141 7.31 -26.23 -2.66
N PHE A 142 7.81 -25.67 -3.76
CA PHE A 142 7.07 -24.62 -4.52
C PHE A 142 6.40 -25.13 -5.75
N SER A 143 5.23 -24.55 -6.06
CA SER A 143 4.47 -24.91 -7.30
C SER A 143 5.21 -24.24 -8.45
N ASP A 144 4.92 -24.64 -9.65
CA ASP A 144 5.45 -23.95 -10.85
C ASP A 144 5.02 -22.45 -10.94
N LEU A 145 3.80 -22.15 -10.53
CA LEU A 145 3.28 -20.80 -10.64
C LEU A 145 4.02 -19.90 -9.62
N GLU A 146 4.32 -20.42 -8.44
CA GLU A 146 5.13 -19.71 -7.43
C GLU A 146 6.54 -19.38 -7.95
N ILE A 147 7.19 -20.38 -8.54
CA ILE A 147 8.53 -20.23 -9.17
C ILE A 147 8.43 -19.17 -10.30
N LEU A 148 7.45 -19.36 -11.16
CA LEU A 148 7.17 -18.32 -12.17
C LEU A 148 7.05 -16.88 -11.55
N ALA A 149 6.29 -16.74 -10.46
CA ALA A 149 6.12 -15.51 -9.80
C ALA A 149 7.39 -14.91 -9.27
N VAL A 150 8.24 -15.68 -8.59
CA VAL A 150 9.32 -15.08 -7.91
C VAL A 150 10.37 -14.69 -8.94
N LEU A 151 10.49 -15.48 -10.01
CA LEU A 151 11.53 -15.16 -11.01
C LEU A 151 11.05 -13.90 -11.90
N PHE A 152 9.77 -13.88 -12.26
CA PHE A 152 9.22 -12.67 -12.92
C PHE A 152 9.44 -11.45 -12.08
N ALA A 153 9.12 -11.64 -10.78
CA ALA A 153 9.24 -10.53 -9.88
C ALA A 153 10.66 -9.96 -9.82
N ALA A 154 11.62 -10.84 -9.69
CA ALA A 154 12.97 -10.45 -9.62
C ALA A 154 13.43 -9.63 -10.84
N ALA A 155 13.08 -10.09 -12.02
CA ALA A 155 13.35 -9.41 -13.31
C ALA A 155 12.76 -7.95 -13.37
N ILE A 156 11.56 -7.75 -12.80
CA ILE A 156 10.87 -6.43 -12.85
C ILE A 156 11.09 -5.58 -11.64
N HIS A 157 11.72 -6.08 -10.55
CA HIS A 157 11.49 -5.56 -9.25
C HIS A 157 11.97 -4.12 -9.03
N ASP A 158 12.91 -3.71 -9.87
CA ASP A 158 13.38 -2.27 -9.85
C ASP A 158 13.13 -1.47 -11.18
N VAL A 159 12.27 -1.95 -12.05
CA VAL A 159 12.04 -1.31 -13.34
C VAL A 159 11.65 0.18 -13.18
N ASP A 160 12.33 1.08 -13.93
CA ASP A 160 12.13 2.54 -13.95
C ASP A 160 12.70 3.20 -12.79
N HIS A 161 13.57 2.51 -12.07
CA HIS A 161 14.17 3.12 -10.84
C HIS A 161 14.83 4.50 -11.20
N PRO A 162 14.55 5.60 -10.48
CA PRO A 162 15.27 6.84 -10.98
C PRO A 162 16.58 7.10 -10.20
N GLY A 163 17.15 6.24 -9.38
CA GLY A 163 18.42 6.63 -8.72
C GLY A 163 18.34 7.36 -7.40
N VAL A 164 17.15 7.41 -6.81
CA VAL A 164 17.01 8.01 -5.53
C VAL A 164 16.07 7.11 -4.69
N THR A 165 16.23 7.13 -3.37
CA THR A 165 15.44 6.30 -2.45
C THR A 165 14.02 6.77 -2.29
N ASN A 166 13.18 5.84 -1.79
CA ASN A 166 11.91 6.23 -1.15
C ASN A 166 11.95 7.47 -0.24
N GLN A 167 12.84 7.45 0.81
CA GLN A 167 13.00 8.50 1.80
C GLN A 167 13.19 9.87 1.10
N PHE A 168 14.00 9.86 0.03
CA PHE A 168 14.25 11.11 -0.73
C PHE A 168 12.94 11.56 -1.33
N LEU A 169 12.22 10.68 -2.02
CA LEU A 169 10.90 11.08 -2.66
C LEU A 169 9.93 11.60 -1.61
N ILE A 170 9.94 10.99 -0.43
CA ILE A 170 9.05 11.36 0.72
C ILE A 170 9.61 12.79 1.21
N ASN A 171 10.89 12.89 1.62
CA ASN A 171 11.50 14.13 2.09
C ASN A 171 11.24 15.22 1.07
N THR A 172 11.36 14.98 -0.24
CA THR A 172 11.05 16.06 -1.24
C THR A 172 9.55 16.24 -1.55
N GLY A 173 8.63 15.52 -0.89
CA GLY A 173 7.23 15.32 -1.40
C GLY A 173 7.13 15.24 -2.93
N HIS A 174 8.03 14.52 -3.55
CA HIS A 174 7.88 14.25 -4.97
C HIS A 174 6.42 13.69 -5.16
N GLU A 175 5.93 13.90 -6.39
CA GLU A 175 4.70 13.32 -6.89
C GLU A 175 4.39 11.81 -6.58
N LEU A 176 5.41 10.94 -6.62
CA LEU A 176 5.20 9.49 -6.48
C LEU A 176 4.81 9.25 -5.06
N ALA A 177 5.53 9.93 -4.17
CA ALA A 177 5.36 9.84 -2.72
C ALA A 177 3.97 10.37 -2.26
N LEU A 178 3.55 11.49 -2.87
CA LEU A 178 2.21 11.97 -2.62
C LEU A 178 1.16 10.96 -3.14
N GLN A 179 1.33 10.47 -4.35
CA GLN A 179 0.42 9.51 -4.96
C GLN A 179 0.16 8.19 -4.15
N TYR A 180 1.23 7.69 -3.57
CA TYR A 180 1.33 6.42 -2.82
C TYR A 180 1.38 6.62 -1.31
N ASN A 181 1.17 7.84 -0.86
CA ASN A 181 1.02 8.11 0.56
C ASN A 181 2.19 7.60 1.39
N ASP A 182 3.36 7.80 0.82
CA ASP A 182 4.61 7.42 1.51
C ASP A 182 4.88 5.96 1.62
N ALA A 183 4.03 5.13 0.97
CA ALA A 183 4.05 3.64 1.25
C ALA A 183 4.65 2.86 0.10
N SER A 184 5.79 2.19 0.33
CA SER A 184 6.52 1.38 -0.69
C SER A 184 6.55 2.14 -2.05
N VAL A 185 6.94 3.42 -1.97
CA VAL A 185 6.71 4.27 -3.18
C VAL A 185 7.21 3.73 -4.48
N LEU A 186 8.49 3.51 -4.54
CA LEU A 186 9.11 2.91 -5.75
C LEU A 186 8.64 1.51 -6.11
N GLU A 187 8.47 0.70 -5.06
CA GLU A 187 8.05 -0.75 -5.29
C GLU A 187 6.74 -0.81 -5.96
N ASN A 188 5.88 0.13 -5.56
CA ASN A 188 4.58 0.23 -6.19
C ASN A 188 4.74 0.71 -7.62
N HIS A 189 5.61 1.72 -7.82
CA HIS A 189 5.84 2.24 -9.24
C HIS A 189 6.49 1.15 -10.12
N HIS A 190 7.40 0.30 -9.50
CA HIS A 190 8.05 -0.75 -10.33
C HIS A 190 7.00 -1.69 -10.84
N LEU A 191 6.11 -2.03 -9.92
CA LEU A 191 5.00 -2.92 -10.30
C LEU A 191 4.11 -2.35 -11.40
N TYR A 192 3.65 -1.11 -11.17
CA TYR A 192 2.81 -0.39 -12.15
C TYR A 192 3.43 -0.44 -13.56
N MET A 193 4.73 -0.11 -13.64
CA MET A 193 5.36 -0.06 -14.99
C MET A 193 5.43 -1.48 -15.62
N ALA A 194 5.71 -2.54 -14.82
CA ALA A 194 5.89 -3.82 -15.38
C ALA A 194 4.51 -4.37 -15.92
N PHE A 195 3.43 -4.21 -15.13
CA PHE A 195 2.12 -4.72 -15.55
C PHE A 195 1.59 -3.84 -16.79
N LYS A 196 1.83 -2.56 -16.79
CA LYS A 196 1.51 -1.79 -18.08
C LYS A 196 2.20 -2.34 -19.37
N ILE A 197 3.50 -2.57 -19.31
CA ILE A 197 4.17 -3.13 -20.48
C ILE A 197 3.49 -4.43 -20.96
N LEU A 198 2.94 -5.21 -20.04
CA LEU A 198 2.18 -6.44 -20.41
C LEU A 198 0.95 -6.15 -21.29
N THR A 199 0.24 -5.05 -21.06
CA THR A 199 -0.77 -4.40 -22.02
C THR A 199 -0.31 -4.54 -23.50
N GLU A 200 0.92 -4.10 -23.77
CA GLU A 200 1.22 -3.43 -25.01
C GLU A 200 1.18 -4.49 -26.04
N LYS A 201 0.80 -4.11 -27.26
CA LYS A 201 0.71 -4.97 -28.40
C LYS A 201 1.77 -6.14 -28.42
N ASP A 202 1.30 -7.39 -28.29
CA ASP A 202 2.10 -8.67 -28.47
C ASP A 202 3.16 -8.88 -27.39
N CYS A 203 2.86 -8.33 -26.21
CA CYS A 203 3.70 -8.36 -25.02
C CYS A 203 3.10 -9.08 -23.86
N ASP A 204 1.95 -9.70 -24.00
CA ASP A 204 1.35 -10.32 -22.85
C ASP A 204 1.88 -11.74 -22.69
N ILE A 205 3.00 -11.86 -22.02
CA ILE A 205 3.56 -13.19 -21.85
C ILE A 205 2.58 -14.13 -21.15
N PHE A 206 1.56 -13.65 -20.39
CA PHE A 206 0.78 -14.56 -19.58
C PHE A 206 -0.57 -14.80 -20.22
N ALA A 207 -0.65 -14.44 -21.50
CA ALA A 207 -1.89 -14.53 -22.26
C ALA A 207 -2.57 -15.94 -22.23
N ASN A 208 -1.79 -17.02 -22.17
CA ASN A 208 -2.35 -18.36 -22.13
C ASN A 208 -2.65 -18.95 -20.76
N LEU A 209 -2.36 -18.25 -19.66
CA LEU A 209 -2.83 -18.77 -18.38
C LEU A 209 -4.36 -18.58 -18.22
N GLY A 210 -5.05 -19.50 -17.55
CA GLY A 210 -6.43 -19.21 -17.09
C GLY A 210 -6.59 -17.95 -16.26
N GLY A 211 -7.82 -17.44 -16.16
CA GLY A 211 -8.19 -16.38 -15.23
C GLY A 211 -7.83 -16.54 -13.75
N LYS A 212 -8.07 -17.69 -13.12
CA LYS A 212 -7.83 -17.92 -11.68
C LYS A 212 -6.30 -17.88 -11.52
N LYS A 213 -5.58 -18.38 -12.54
CA LYS A 213 -4.14 -18.29 -12.55
C LYS A 213 -3.56 -16.91 -12.75
N ARG A 214 -3.96 -16.16 -13.76
CA ARG A 214 -3.36 -14.82 -13.90
C ARG A 214 -3.56 -13.97 -12.63
N GLN A 215 -4.69 -14.16 -11.98
CA GLN A 215 -5.06 -13.40 -10.81
C GLN A 215 -4.29 -13.96 -9.58
N THR A 216 -4.02 -15.29 -9.45
CA THR A 216 -3.21 -15.69 -8.31
C THR A 216 -1.72 -15.23 -8.56
N LEU A 217 -1.30 -15.20 -9.81
CA LEU A 217 0.00 -14.78 -10.18
C LEU A 217 0.17 -13.30 -9.84
N ARG A 218 -0.74 -12.47 -10.37
CA ARG A 218 -0.74 -11.04 -10.15
C ARG A 218 -0.59 -10.84 -8.63
N ARG A 219 -1.41 -11.48 -7.78
CA ARG A 219 -1.26 -11.23 -6.28
C ARG A 219 0.10 -11.59 -5.73
N MET A 220 0.63 -12.74 -6.19
CA MET A 220 1.93 -13.14 -5.73
C MET A 220 3.00 -12.16 -6.18
N VAL A 221 3.01 -11.76 -7.46
CA VAL A 221 4.02 -10.89 -7.92
C VAL A 221 4.04 -9.57 -7.16
N ILE A 222 2.87 -9.06 -6.93
CA ILE A 222 2.77 -7.79 -6.11
C ILE A 222 3.39 -7.98 -4.71
N GLU A 223 2.94 -9.09 -4.01
CA GLU A 223 3.48 -9.36 -2.66
C GLU A 223 4.98 -9.51 -2.73
N LEU A 224 5.49 -10.17 -3.75
CA LEU A 224 6.96 -10.31 -3.85
C LEU A 224 7.81 -9.03 -4.15
N VAL A 225 7.40 -8.23 -5.12
CA VAL A 225 8.10 -6.92 -5.27
C VAL A 225 7.90 -5.99 -4.09
N LEU A 226 6.71 -5.94 -3.47
CA LEU A 226 6.57 -5.18 -2.20
C LEU A 226 7.50 -5.67 -1.10
N ALA A 227 7.91 -6.97 -1.13
CA ALA A 227 8.81 -7.46 -0.09
C ALA A 227 10.25 -6.97 -0.30
N THR A 228 10.54 -6.35 -1.44
CA THR A 228 11.83 -5.70 -1.59
C THR A 228 11.97 -4.30 -0.95
N ASP A 229 10.86 -3.75 -0.38
CA ASP A 229 10.91 -2.41 0.31
C ASP A 229 11.64 -2.72 1.59
N MET A 230 12.77 -2.10 1.76
CA MET A 230 13.52 -2.13 3.03
C MET A 230 12.88 -1.90 4.39
N SER A 231 11.79 -1.15 4.44
CA SER A 231 11.09 -0.97 5.63
C SER A 231 10.32 -2.20 5.90
N LYS A 232 10.25 -3.20 5.01
CA LYS A 232 9.74 -4.51 5.46
C LYS A 232 10.74 -5.46 6.08
N HIS A 233 11.99 -5.10 6.09
CA HIS A 233 13.05 -6.06 6.33
C HIS A 233 12.86 -6.83 7.70
N MET A 234 12.70 -6.01 8.73
CA MET A 234 12.61 -6.42 10.15
C MET A 234 11.46 -7.41 10.36
N SER A 235 10.36 -7.05 9.76
CA SER A 235 9.14 -7.82 9.84
C SER A 235 9.30 -9.10 9.12
N LEU A 236 9.81 -9.04 7.90
CA LEU A 236 10.05 -10.26 7.16
C LEU A 236 11.05 -11.19 7.83
N LEU A 237 12.13 -10.63 8.38
CA LEU A 237 13.14 -11.41 8.95
C LEU A 237 12.58 -12.10 10.28
N ALA A 238 11.79 -11.43 11.04
CA ALA A 238 11.12 -12.05 12.18
C ALA A 238 10.22 -13.23 11.69
N ASP A 239 9.46 -13.08 10.59
CA ASP A 239 8.69 -14.24 10.05
C ASP A 239 9.64 -15.40 9.72
N LEU A 240 10.79 -15.06 9.20
CA LEU A 240 11.66 -16.12 8.76
C LEU A 240 12.29 -16.82 10.02
N ARG A 241 12.61 -16.04 11.05
CA ARG A 241 13.06 -16.57 12.30
C ARG A 241 12.08 -17.54 12.87
N THR A 242 10.80 -17.11 13.00
CA THR A 242 9.68 -18.03 13.34
C THR A 242 9.73 -19.35 12.57
N MET A 243 9.96 -19.35 11.30
CA MET A 243 9.91 -20.61 10.56
C MET A 243 11.12 -21.47 10.80
N VAL A 244 12.28 -20.83 10.96
CA VAL A 244 13.46 -21.56 11.39
C VAL A 244 13.19 -22.30 12.74
N GLU A 245 12.70 -21.60 13.74
CA GLU A 245 12.48 -22.19 15.08
C GLU A 245 11.40 -23.27 14.96
N THR A 246 10.38 -22.97 14.16
CA THR A 246 9.38 -23.98 13.91
C THR A 246 9.95 -25.32 13.18
N LYS A 247 10.91 -25.18 12.28
CA LYS A 247 11.57 -26.31 11.67
C LYS A 247 12.43 -27.09 12.69
N LYS A 248 13.24 -26.37 13.45
CA LYS A 248 14.13 -27.03 14.51
C LYS A 248 13.28 -27.78 15.53
N VAL A 249 12.12 -27.28 15.98
CA VAL A 249 11.33 -28.09 16.87
C VAL A 249 10.46 -29.21 16.23
N SER A 250 10.41 -29.36 14.91
CA SER A 250 9.50 -30.34 14.25
C SER A 250 9.86 -31.77 14.40
N GLY A 251 11.14 -32.16 14.25
CA GLY A 251 11.32 -33.63 14.65
C GLY A 251 10.87 -34.82 13.76
N SER A 252 10.08 -34.60 12.70
CA SER A 252 10.65 -34.93 11.32
C SER A 252 11.33 -33.66 11.08
N GLY A 253 12.66 -33.59 10.93
CA GLY A 253 13.26 -32.21 10.79
C GLY A 253 12.78 -31.36 9.59
N MET A 254 11.68 -31.75 8.92
CA MET A 254 11.14 -31.12 7.69
C MET A 254 9.98 -30.11 8.06
N LEU A 255 9.95 -28.96 7.46
CA LEU A 255 8.86 -27.97 7.85
C LEU A 255 7.56 -28.22 7.06
N ASN A 256 6.31 -28.17 7.67
CA ASN A 256 4.96 -28.30 6.96
C ASN A 256 4.71 -26.93 6.29
N LEU A 257 4.53 -27.01 4.98
CA LEU A 257 4.39 -25.89 4.02
C LEU A 257 3.19 -26.13 2.99
N ASP A 258 2.23 -26.99 3.41
CA ASP A 258 0.92 -27.14 2.75
C ASP A 258 0.19 -25.77 2.68
N ASN A 259 0.63 -24.87 3.55
CA ASN A 259 0.04 -23.58 3.59
C ASN A 259 0.75 -22.48 2.69
N TYR A 260 -0.03 -21.89 1.81
CA TYR A 260 0.38 -20.93 0.82
C TYR A 260 0.98 -19.73 1.63
N ALA A 261 0.36 -19.32 2.73
CA ALA A 261 0.82 -18.16 3.40
C ALA A 261 2.18 -18.39 4.05
N ASP A 262 2.55 -19.62 4.37
CA ASP A 262 3.95 -19.81 4.88
C ASP A 262 4.96 -19.73 3.77
N ARG A 263 4.63 -20.45 2.73
CA ARG A 263 5.38 -20.49 1.49
C ARG A 263 5.68 -19.05 0.84
N ILE A 264 4.67 -18.22 0.78
CA ILE A 264 4.87 -16.92 0.29
C ILE A 264 5.86 -16.14 1.18
N GLN A 265 5.87 -16.39 2.49
CA GLN A 265 6.84 -15.76 3.39
C GLN A 265 8.23 -16.14 3.08
N ILE A 266 8.42 -17.38 2.76
CA ILE A 266 9.68 -17.80 2.35
C ILE A 266 10.14 -17.17 1.07
N LEU A 267 9.27 -17.16 0.07
CA LEU A 267 9.60 -16.48 -1.20
C LEU A 267 9.85 -14.97 -1.06
N GLN A 268 9.14 -14.34 -0.17
CA GLN A 268 9.36 -12.91 0.16
C GLN A 268 10.72 -12.70 0.70
N ASN A 269 11.15 -13.53 1.68
CA ASN A 269 12.46 -13.46 2.19
C ASN A 269 13.48 -13.78 1.18
N MET A 270 13.15 -14.73 0.34
CA MET A 270 14.14 -15.10 -0.67
C MET A 270 14.45 -13.98 -1.70
N ILE A 271 13.43 -13.33 -2.23
CA ILE A 271 13.75 -12.28 -3.22
C ILE A 271 14.48 -11.14 -2.53
N HIS A 272 14.12 -10.87 -1.28
CA HIS A 272 14.86 -9.88 -0.45
C HIS A 272 16.28 -10.26 -0.20
N CYS A 273 16.58 -11.57 0.09
CA CYS A 273 17.92 -12.04 0.11
C CYS A 273 18.66 -11.74 -1.24
N ALA A 274 18.09 -12.16 -2.29
CA ALA A 274 18.70 -11.96 -3.55
C ALA A 274 19.03 -10.51 -3.82
N ASP A 275 18.08 -9.65 -3.47
CA ASP A 275 18.37 -8.18 -3.63
C ASP A 275 19.55 -7.72 -2.79
N LEU A 276 19.71 -8.30 -1.58
CA LEU A 276 20.79 -7.97 -0.70
C LEU A 276 21.88 -9.00 -0.76
N SER A 277 22.06 -9.54 -1.92
CA SER A 277 23.10 -10.63 -2.03
C SER A 277 24.50 -10.08 -2.31
N ASN A 278 24.62 -8.79 -2.72
CA ASN A 278 25.95 -8.29 -3.07
C ASN A 278 27.08 -8.49 -2.08
N PRO A 279 26.85 -8.19 -0.83
CA PRO A 279 27.94 -8.43 0.12
C PRO A 279 28.30 -9.85 0.36
N ALA A 280 27.54 -10.81 -0.13
CA ALA A 280 27.97 -12.23 0.09
C ALA A 280 28.44 -12.84 -1.23
N LYS A 281 28.65 -12.01 -2.29
CA LYS A 281 29.18 -12.35 -3.56
C LYS A 281 30.73 -12.29 -3.52
N PRO A 282 31.46 -13.07 -4.40
CA PRO A 282 32.90 -12.98 -4.48
C PRO A 282 33.31 -11.46 -4.33
N LEU A 283 34.37 -11.23 -3.58
CA LEU A 283 34.78 -9.92 -3.25
C LEU A 283 34.85 -8.94 -4.40
N ARG A 284 35.44 -9.37 -5.52
CA ARG A 284 35.62 -8.55 -6.76
C ARG A 284 34.28 -8.00 -7.21
N LEU A 285 33.27 -8.84 -7.23
CA LEU A 285 31.93 -8.47 -7.64
C LEU A 285 31.25 -7.65 -6.65
N TYR A 286 31.38 -8.02 -5.37
CA TYR A 286 30.70 -7.22 -4.33
C TYR A 286 31.26 -5.72 -4.47
N ARG A 287 32.59 -5.59 -4.56
CA ARG A 287 33.20 -4.29 -4.63
C ARG A 287 32.69 -3.48 -5.83
N LYS A 288 32.43 -4.17 -6.95
CA LYS A 288 31.98 -3.41 -8.13
C LYS A 288 30.51 -2.92 -7.92
N TRP A 289 29.66 -3.84 -7.36
CA TRP A 289 28.31 -3.51 -7.12
C TRP A 289 28.25 -2.26 -6.19
N THR A 290 29.10 -2.31 -5.18
CA THR A 290 29.19 -1.31 -4.11
C THR A 290 29.66 0.09 -4.63
N GLY A 291 30.66 0.10 -5.50
CA GLY A 291 31.15 1.38 -6.19
C GLY A 291 30.00 1.98 -6.94
N ARG A 292 29.18 1.16 -7.60
CA ARG A 292 28.00 1.68 -8.24
C ARG A 292 26.93 2.22 -7.29
N LEU A 293 26.72 1.49 -6.18
CA LEU A 293 25.70 1.89 -5.29
C LEU A 293 26.05 3.24 -4.57
N ILE A 294 27.29 3.41 -4.13
CA ILE A 294 27.83 4.61 -3.52
C ILE A 294 27.76 5.83 -4.51
N GLU A 295 28.07 5.61 -5.79
CA GLU A 295 27.87 6.67 -6.79
C GLU A 295 26.46 7.14 -6.82
N GLU A 296 25.52 6.22 -6.86
CA GLU A 296 24.12 6.64 -6.86
C GLU A 296 23.72 7.35 -5.60
N PHE A 297 24.21 6.84 -4.48
CA PHE A 297 23.90 7.44 -3.19
C PHE A 297 24.46 8.92 -3.08
N PHE A 298 25.71 9.06 -3.50
CA PHE A 298 26.41 10.33 -3.43
C PHE A 298 25.72 11.39 -4.36
N ARG A 299 25.23 10.95 -5.50
CA ARG A 299 24.42 11.83 -6.38
C ARG A 299 23.14 12.33 -5.71
N GLN A 300 22.53 11.40 -5.00
CA GLN A 300 21.35 11.79 -4.29
C GLN A 300 21.65 12.76 -3.17
N GLY A 301 22.71 12.52 -2.41
CA GLY A 301 23.07 13.49 -1.33
C GLY A 301 23.46 14.87 -1.87
N ASP A 302 23.93 14.92 -3.13
CA ASP A 302 24.25 16.20 -3.82
C ASP A 302 22.97 16.98 -4.05
N LYS A 303 21.94 16.29 -4.50
CA LYS A 303 20.64 16.90 -4.70
C LYS A 303 19.99 17.39 -3.45
N GLU A 304 20.05 16.54 -2.41
CA GLU A 304 19.66 16.91 -1.07
C GLU A 304 20.38 18.18 -0.55
N ARG A 305 21.71 18.18 -0.71
CA ARG A 305 22.48 19.38 -0.36
C ARG A 305 21.97 20.66 -1.06
N GLU A 306 21.70 20.50 -2.37
CA GLU A 306 21.29 21.56 -3.27
C GLU A 306 19.89 21.98 -2.86
N LEU A 307 19.04 21.04 -2.50
CA LEU A 307 17.76 21.44 -1.91
C LEU A 307 17.85 21.87 -0.40
N SER A 308 19.05 22.05 0.20
CA SER A 308 19.22 22.39 1.64
C SER A 308 18.49 21.44 2.61
N LEU A 309 18.44 20.13 2.31
CA LEU A 309 17.75 19.11 3.13
C LEU A 309 18.67 18.22 3.92
N GLU A 310 18.13 17.46 4.87
CA GLU A 310 18.96 16.56 5.67
C GLU A 310 19.64 15.63 4.59
N ILE A 311 20.95 15.40 4.66
CA ILE A 311 21.54 14.46 3.76
C ILE A 311 21.36 13.03 4.30
N SER A 312 20.56 12.21 3.61
CA SER A 312 20.51 10.77 3.91
C SER A 312 21.80 9.96 4.26
N PRO A 313 21.62 8.99 5.20
CA PRO A 313 22.73 8.04 5.49
C PRO A 313 23.30 7.45 4.21
N MET A 314 24.63 7.29 4.23
CA MET A 314 25.44 6.91 3.18
C MET A 314 25.44 7.83 1.89
N CYS A 315 24.69 8.94 1.86
CA CYS A 315 24.59 9.85 0.67
C CYS A 315 25.50 11.07 0.66
N ASP A 316 26.37 11.21 1.66
CA ASP A 316 27.12 12.38 1.79
C ASP A 316 28.50 12.15 1.48
N ARG A 317 28.97 12.75 0.34
CA ARG A 317 30.32 12.57 -0.05
C ARG A 317 31.27 13.28 0.84
N GLU A 318 30.78 14.26 1.60
CA GLU A 318 31.74 14.97 2.48
C GLU A 318 32.15 14.31 3.84
N SER A 319 31.38 13.27 4.19
CA SER A 319 31.25 12.65 5.53
C SER A 319 31.33 11.07 5.53
N VAL A 320 30.73 10.46 4.54
CA VAL A 320 30.78 9.00 4.45
C VAL A 320 32.13 8.32 4.29
N GLU A 321 32.24 7.17 5.00
CA GLU A 321 33.42 6.29 5.11
C GLU A 321 32.87 4.97 4.67
N VAL A 322 33.31 4.58 3.51
CA VAL A 322 32.69 3.57 2.70
C VAL A 322 32.82 2.19 3.40
N GLU A 323 33.99 1.97 4.00
CA GLU A 323 34.46 0.76 4.47
C GLU A 323 33.67 0.50 5.75
N LYS A 324 33.66 1.47 6.61
CA LYS A 324 32.89 1.44 7.88
C LYS A 324 31.40 1.22 7.64
N SER A 325 30.88 1.85 6.63
CA SER A 325 29.50 1.69 6.31
C SER A 325 29.22 0.29 5.85
N GLN A 326 30.16 -0.35 5.09
CA GLN A 326 29.87 -1.73 4.70
C GLN A 326 29.86 -2.68 5.85
N VAL A 327 30.86 -2.57 6.71
CA VAL A 327 30.95 -3.42 7.92
C VAL A 327 29.66 -3.29 8.70
N SER A 328 29.24 -2.04 8.85
CA SER A 328 27.97 -1.78 9.60
C SER A 328 26.71 -2.40 8.93
N PHE A 329 26.59 -2.26 7.60
CA PHE A 329 25.44 -2.81 6.88
C PHE A 329 25.48 -4.37 6.99
N ILE A 330 26.69 -4.92 6.90
CA ILE A 330 26.82 -6.34 7.04
C ILE A 330 26.42 -6.73 8.51
N ASP A 331 26.86 -6.01 9.51
CA ASP A 331 26.65 -6.48 10.92
C ASP A 331 25.20 -6.45 11.35
N PHE A 332 24.45 -5.49 10.84
CA PHE A 332 23.17 -5.09 11.32
C PHE A 332 22.06 -5.47 10.40
N VAL A 333 22.32 -5.71 9.13
CA VAL A 333 21.21 -6.01 8.28
C VAL A 333 21.44 -7.32 7.48
N CYS A 334 22.59 -7.38 6.81
CA CYS A 334 22.93 -8.46 5.92
C CYS A 334 23.27 -9.77 6.53
N HIS A 335 24.11 -9.78 7.58
CA HIS A 335 24.47 -10.94 8.22
C HIS A 335 23.26 -11.57 9.01
N PRO A 336 22.45 -10.74 9.69
CA PRO A 336 21.33 -11.41 10.41
C PRO A 336 20.35 -12.02 9.42
N LEU A 337 20.15 -11.39 8.25
CA LEU A 337 19.29 -11.98 7.19
C LEU A 337 19.83 -13.27 6.61
N TRP A 338 21.04 -13.22 6.18
CA TRP A 338 21.59 -14.39 5.62
C TRP A 338 21.78 -15.52 6.61
N GLU A 339 22.19 -15.20 7.82
CA GLU A 339 22.36 -16.23 8.79
C GLU A 339 21.01 -17.03 8.95
N THR A 340 19.90 -16.32 8.98
CA THR A 340 18.62 -16.91 9.21
C THR A 340 18.22 -17.69 7.97
N TRP A 341 18.43 -17.16 6.78
CA TRP A 341 18.14 -17.86 5.53
C TRP A 341 18.94 -19.15 5.59
N CYS A 342 20.24 -19.02 5.81
CA CYS A 342 21.14 -20.22 5.83
C CYS A 342 20.70 -21.35 6.88
N ASP A 343 20.29 -20.93 8.06
CA ASP A 343 19.65 -21.74 9.14
C ASP A 343 18.41 -22.45 8.59
N LEU A 344 17.54 -21.77 7.80
CA LEU A 344 16.40 -22.49 7.21
C LEU A 344 16.76 -23.56 6.24
N VAL A 345 17.66 -23.28 5.32
CA VAL A 345 18.06 -24.30 4.37
C VAL A 345 19.34 -25.07 4.77
N HIS A 346 19.70 -25.13 6.03
CA HIS A 346 20.98 -25.73 6.45
C HIS A 346 21.09 -27.14 5.93
N PRO A 347 22.19 -27.59 5.23
CA PRO A 347 23.55 -26.86 5.02
C PRO A 347 23.85 -26.29 3.61
N CYS A 348 22.77 -26.19 2.88
CA CYS A 348 22.72 -25.94 1.47
C CYS A 348 23.28 -24.58 1.04
N ALA A 349 23.44 -23.59 1.94
CA ALA A 349 23.83 -22.19 1.59
C ALA A 349 25.04 -21.73 2.47
N GLN A 350 25.77 -22.71 3.00
CA GLN A 350 27.02 -22.49 3.69
C GLN A 350 28.04 -21.54 2.94
N LEU A 351 28.35 -21.81 1.68
CA LEU A 351 29.26 -21.00 0.89
C LEU A 351 28.86 -19.37 0.98
N ILE A 352 27.58 -19.09 1.05
CA ILE A 352 27.07 -17.76 1.08
C ILE A 352 27.52 -17.02 2.37
N LEU A 353 27.28 -17.68 3.49
CA LEU A 353 27.62 -17.10 4.77
C LEU A 353 29.08 -16.95 4.98
N ASP A 354 29.85 -17.96 4.56
CA ASP A 354 31.27 -17.92 4.55
C ASP A 354 31.80 -16.71 3.71
N THR A 355 31.42 -16.57 2.44
CA THR A 355 31.90 -15.52 1.59
C THR A 355 31.48 -14.14 2.26
N LEU A 356 30.29 -14.07 2.84
CA LEU A 356 29.81 -12.85 3.54
C LEU A 356 30.70 -12.48 4.72
N GLU A 357 31.08 -13.47 5.52
CA GLU A 357 31.96 -13.23 6.68
C GLU A 357 33.36 -12.91 6.24
N ASP A 358 33.93 -13.61 5.22
CA ASP A 358 35.27 -13.26 4.74
C ASP A 358 35.29 -11.76 4.20
N ASN A 359 34.26 -11.37 3.48
CA ASN A 359 34.12 -10.03 2.96
C ASN A 359 34.03 -8.93 4.08
N ARG A 360 33.21 -9.22 5.09
CA ARG A 360 33.18 -8.46 6.33
C ARG A 360 34.53 -8.23 6.88
N ASP A 361 35.25 -9.31 7.13
CA ASP A 361 36.60 -9.25 7.71
C ASP A 361 37.58 -8.58 6.88
N TRP A 362 37.53 -8.77 5.54
CA TRP A 362 38.38 -8.01 4.57
C TRP A 362 38.14 -6.48 4.80
N TYR A 363 36.90 -5.98 4.66
CA TYR A 363 36.61 -4.57 4.99
C TYR A 363 36.98 -4.06 6.43
N GLU A 364 36.82 -4.90 7.44
CA GLU A 364 37.28 -4.50 8.74
C GLU A 364 38.75 -4.19 8.65
N CYS A 365 39.61 -5.13 8.20
CA CYS A 365 41.09 -4.85 8.01
C CYS A 365 41.51 -3.68 7.17
N HIS A 366 40.78 -3.32 6.14
CA HIS A 366 40.93 -2.05 5.35
C HIS A 366 40.22 -0.75 5.92
N ILE A 367 40.22 -0.62 7.26
CA ILE A 367 39.79 0.62 8.02
C ILE A 367 40.99 1.40 8.61
N LEU B 35 -14.98 37.83 8.80
CA LEU B 35 -15.24 36.35 9.05
C LEU B 35 -16.74 35.92 9.48
N PRO B 36 -17.50 35.28 8.58
CA PRO B 36 -18.94 35.07 8.94
C PRO B 36 -19.16 34.00 10.01
N ILE B 37 -20.39 33.91 10.54
CA ILE B 37 -20.59 33.14 11.79
C ILE B 37 -20.28 31.65 11.46
N HIS B 38 -20.60 31.20 10.23
CA HIS B 38 -20.41 29.83 9.92
C HIS B 38 -19.26 29.51 9.03
N GLY B 39 -18.34 30.46 8.96
CA GLY B 39 -17.17 30.29 8.20
C GLY B 39 -17.30 30.76 6.81
N VAL B 40 -18.29 30.28 6.08
CA VAL B 40 -18.57 30.79 4.72
C VAL B 40 -19.89 31.35 4.87
N GLU B 41 -20.22 32.36 4.08
CA GLU B 41 -21.53 33.02 4.11
C GLU B 41 -22.59 32.04 3.61
N THR B 42 -23.78 32.08 4.24
CA THR B 42 -24.94 31.27 3.73
C THR B 42 -26.15 32.10 3.63
N PRO B 43 -27.17 31.60 2.95
CA PRO B 43 -28.43 32.36 2.87
C PRO B 43 -29.24 32.12 4.12
N ASN B 44 -28.80 31.32 5.10
CA ASN B 44 -29.83 31.16 6.21
C ASN B 44 -29.07 31.05 7.52
N ASP B 45 -28.27 32.05 7.80
CA ASP B 45 -27.32 32.05 8.93
C ASP B 45 -28.06 31.77 10.32
N ASN B 46 -29.17 32.43 10.59
CA ASN B 46 -29.95 32.30 11.84
C ASN B 46 -30.56 30.88 11.94
N GLU B 47 -31.17 30.37 10.92
CA GLU B 47 -31.68 29.02 11.02
C GLU B 47 -30.55 27.93 11.25
N LEU B 48 -29.39 28.06 10.59
CA LEU B 48 -28.34 27.18 10.75
C LEU B 48 -27.73 27.29 12.16
N GLU B 49 -27.68 28.50 12.71
CA GLU B 49 -27.15 28.67 14.01
C GLU B 49 -28.07 27.95 15.12
N GLU B 50 -29.36 28.18 15.04
CA GLU B 50 -30.31 27.49 15.90
C GLU B 50 -30.00 25.93 15.81
N ARG B 51 -29.92 25.39 14.62
CA ARG B 51 -29.79 23.94 14.43
C ARG B 51 -28.48 23.48 14.88
N PHE B 52 -27.41 24.22 14.56
CA PHE B 52 -26.11 23.79 15.09
C PHE B 52 -26.03 23.77 16.61
N SER B 53 -26.54 24.77 17.27
CA SER B 53 -26.58 24.81 18.72
C SER B 53 -27.37 23.66 19.35
N LEU B 54 -28.39 23.09 18.67
CA LEU B 54 -29.18 21.92 19.21
C LEU B 54 -28.65 20.57 18.68
N CYS B 55 -28.07 20.48 17.49
CA CYS B 55 -27.84 19.20 16.85
C CYS B 55 -26.37 18.66 16.83
N LEU B 56 -25.28 19.45 17.06
CA LEU B 56 -23.99 19.00 16.71
C LEU B 56 -23.44 17.92 17.59
N ASP B 57 -23.94 17.83 18.83
CA ASP B 57 -23.59 16.79 19.82
C ASP B 57 -24.67 15.74 19.94
N GLU B 58 -25.55 15.66 18.94
CA GLU B 58 -26.56 14.61 18.92
C GLU B 58 -26.23 13.56 17.93
N TRP B 59 -26.85 12.43 18.15
CA TRP B 59 -26.59 11.24 17.23
C TRP B 59 -27.55 11.46 16.09
N GLY B 60 -27.34 11.37 14.79
CA GLY B 60 -28.85 11.58 14.13
C GLY B 60 -29.01 13.08 13.78
N VAL B 61 -28.18 13.57 12.89
CA VAL B 61 -28.25 14.96 12.42
C VAL B 61 -28.72 14.88 11.00
N ASP B 62 -29.64 15.76 10.63
CA ASP B 62 -30.21 15.89 9.29
C ASP B 62 -29.20 16.77 8.38
N ILE B 63 -28.18 16.12 7.87
CA ILE B 63 -27.15 16.71 7.12
C ILE B 63 -27.79 17.23 5.83
N PHE B 64 -28.74 16.49 5.28
CA PHE B 64 -29.44 16.90 4.04
C PHE B 64 -29.99 18.34 4.21
N GLU B 65 -30.64 18.61 5.37
CA GLU B 65 -31.20 19.96 5.60
C GLU B 65 -30.12 21.02 5.84
N ILE B 66 -29.08 20.64 6.52
CA ILE B 66 -27.95 21.52 6.70
C ILE B 66 -27.36 21.87 5.31
N ASP B 67 -27.28 20.90 4.45
CA ASP B 67 -26.78 21.19 3.13
C ASP B 67 -27.67 22.07 2.32
N ARG B 68 -28.96 21.84 2.30
CA ARG B 68 -29.90 22.77 1.66
C ARG B 68 -29.83 24.21 2.26
N LEU B 69 -29.83 24.40 3.57
CA LEU B 69 -29.86 25.71 4.16
C LEU B 69 -28.52 26.49 3.94
N SER B 70 -27.45 25.75 3.85
CA SER B 70 -26.11 26.31 3.73
C SER B 70 -25.77 26.45 2.24
N ASN B 71 -26.72 26.05 1.34
CA ASN B 71 -26.45 26.02 -0.06
C ASN B 71 -25.21 25.26 -0.55
N GLY B 72 -25.13 24.00 -0.19
CA GLY B 72 -24.03 23.13 -0.69
C GLY B 72 -22.87 23.11 0.31
N HIS B 73 -22.99 23.63 1.52
CA HIS B 73 -21.78 23.94 2.37
C HIS B 73 -21.81 23.15 3.77
N ALA B 74 -22.51 21.97 3.79
CA ALA B 74 -22.67 21.20 5.05
C ALA B 74 -21.32 20.80 5.52
N LEU B 75 -20.44 20.39 4.62
CA LEU B 75 -19.11 19.93 5.03
C LEU B 75 -18.35 21.13 5.63
N THR B 76 -18.37 22.20 4.89
CA THR B 76 -17.61 23.41 5.25
C THR B 76 -18.13 23.96 6.56
N THR B 77 -19.43 24.11 6.67
CA THR B 77 -20.03 24.74 7.93
C THR B 77 -19.93 23.76 9.16
N VAL B 78 -20.19 22.45 8.96
CA VAL B 78 -20.04 21.51 9.98
C VAL B 78 -18.62 21.46 10.52
N ALA B 79 -17.68 21.45 9.64
CA ALA B 79 -16.23 21.31 10.02
C ALA B 79 -15.80 22.53 10.76
N TYR B 80 -16.16 23.68 10.19
CA TYR B 80 -15.82 24.93 10.89
C TYR B 80 -16.36 24.93 12.31
N ARG B 81 -17.63 24.61 12.51
CA ARG B 81 -18.11 24.77 13.82
C ARG B 81 -17.59 23.67 14.76
N ILE B 82 -17.42 22.43 14.26
CA ILE B 82 -16.74 21.41 15.12
C ILE B 82 -15.38 21.85 15.61
N PHE B 83 -14.58 22.38 14.68
CA PHE B 83 -13.21 22.83 15.01
C PHE B 83 -13.12 23.98 16.01
N GLN B 84 -13.96 25.01 15.85
CA GLN B 84 -14.19 26.05 16.93
C GLN B 84 -14.67 25.45 18.23
N LYS B 85 -15.63 24.55 18.19
CA LYS B 85 -16.11 24.01 19.46
C LYS B 85 -15.04 23.24 20.21
N ARG B 86 -14.17 22.52 19.50
CA ARG B 86 -13.07 21.81 20.19
C ARG B 86 -11.80 22.67 20.30
N ASP B 87 -11.85 23.99 20.02
CA ASP B 87 -10.66 24.96 20.17
C ASP B 87 -9.49 24.54 19.28
N LEU B 88 -9.75 23.71 18.24
CA LEU B 88 -8.70 23.14 17.39
C LEU B 88 -8.01 24.16 16.53
N LEU B 89 -8.77 25.12 16.02
CA LEU B 89 -8.11 26.30 15.35
C LEU B 89 -7.12 27.05 16.29
N LYS B 90 -7.55 27.41 17.48
CA LYS B 90 -6.61 28.04 18.40
C LYS B 90 -5.49 27.09 18.76
N THR B 91 -5.79 25.83 19.06
CA THR B 91 -4.76 24.93 19.56
C THR B 91 -3.62 24.70 18.54
N PHE B 92 -3.95 24.63 17.26
CA PHE B 92 -2.95 24.29 16.25
C PHE B 92 -2.53 25.49 15.40
N CYS B 93 -2.82 26.71 15.92
CA CYS B 93 -2.59 27.96 15.20
C CYS B 93 -3.02 27.87 13.76
N ILE B 94 -4.21 27.37 13.53
CA ILE B 94 -4.73 27.30 12.17
C ILE B 94 -5.46 28.64 11.98
N ASP B 95 -5.01 29.40 10.99
CA ASP B 95 -5.61 30.60 10.48
C ASP B 95 -7.05 30.24 9.99
N PRO B 96 -8.11 30.87 10.57
CA PRO B 96 -9.45 30.44 10.19
C PRO B 96 -9.84 30.73 8.73
N HIS B 97 -9.26 31.73 8.15
CA HIS B 97 -9.44 31.92 6.68
C HIS B 97 -8.85 30.81 5.83
N VAL B 98 -7.66 30.39 6.20
CA VAL B 98 -6.98 29.30 5.49
C VAL B 98 -7.84 28.01 5.67
N PHE B 99 -8.29 27.75 6.87
CA PHE B 99 -9.24 26.62 7.14
C PHE B 99 -10.45 26.62 6.18
N VAL B 100 -11.16 27.74 6.10
CA VAL B 100 -12.32 27.80 5.29
C VAL B 100 -12.03 27.63 3.79
N ARG B 101 -10.89 28.22 3.37
CA ARG B 101 -10.46 28.16 1.99
C ARG B 101 -10.14 26.69 1.69
N TYR B 102 -9.42 26.00 2.56
CA TYR B 102 -9.10 24.59 2.27
C TYR B 102 -10.35 23.74 2.22
N LEU B 103 -11.19 23.94 3.24
CA LEU B 103 -12.45 23.12 3.34
C LEU B 103 -13.37 23.35 2.14
N LEU B 104 -13.39 24.61 1.67
CA LEU B 104 -14.18 24.86 0.40
C LEU B 104 -13.64 24.13 -0.86
N ARG B 105 -12.30 24.14 -0.99
CA ARG B 105 -11.63 23.35 -2.00
C ARG B 105 -11.96 21.82 -1.92
N VAL B 106 -11.82 21.24 -0.72
CA VAL B 106 -12.10 19.80 -0.53
C VAL B 106 -13.56 19.55 -0.90
N GLU B 107 -14.45 20.41 -0.43
CA GLU B 107 -15.93 20.27 -0.62
C GLU B 107 -16.30 20.32 -2.03
N SER B 108 -15.67 21.24 -2.74
CA SER B 108 -15.98 21.33 -4.19
C SER B 108 -15.17 20.15 -4.97
N THR B 109 -14.22 19.41 -4.30
CA THR B 109 -13.63 18.21 -4.93
C THR B 109 -14.43 16.93 -4.81
N TYR B 110 -15.38 16.89 -3.86
CA TYR B 110 -16.34 15.86 -3.90
C TYR B 110 -17.27 16.24 -5.09
N HIS B 111 -17.90 15.23 -5.69
CA HIS B 111 -18.71 15.29 -6.84
C HIS B 111 -20.17 15.35 -6.38
N ALA B 112 -20.75 16.54 -6.54
CA ALA B 112 -22.20 16.83 -6.33
C ALA B 112 -23.16 15.89 -7.04
N ASP B 113 -22.82 15.51 -8.24
CA ASP B 113 -23.65 14.60 -9.04
C ASP B 113 -23.53 13.15 -8.64
N VAL B 114 -22.75 12.84 -7.63
CA VAL B 114 -22.67 11.44 -7.08
C VAL B 114 -23.65 11.43 -5.91
N PRO B 115 -24.66 10.55 -5.95
CA PRO B 115 -25.68 10.60 -4.95
C PRO B 115 -25.32 10.37 -3.53
N TYR B 116 -24.40 9.46 -3.27
CA TYR B 116 -24.02 9.11 -1.90
C TYR B 116 -22.64 9.70 -1.52
N HIS B 117 -21.60 9.31 -2.25
CA HIS B 117 -20.24 9.62 -1.90
C HIS B 117 -19.87 11.05 -2.26
N ASN B 118 -20.64 11.95 -1.71
CA ASN B 118 -20.48 13.43 -1.97
C ASN B 118 -20.07 14.13 -0.72
N SER B 119 -20.18 15.51 -0.69
CA SER B 119 -19.65 16.18 0.52
C SER B 119 -20.62 16.04 1.64
N MET B 120 -21.88 15.77 1.34
CA MET B 120 -22.88 15.49 2.47
C MET B 120 -22.53 14.23 3.33
N HIS B 121 -22.10 13.22 2.62
CA HIS B 121 -21.59 12.00 3.28
C HIS B 121 -20.41 12.31 4.07
N ALA B 122 -19.52 13.14 3.52
CA ALA B 122 -18.34 13.52 4.34
C ALA B 122 -18.71 14.25 5.63
N ALA B 123 -19.61 15.21 5.51
CA ALA B 123 -20.00 15.97 6.64
C ALA B 123 -20.67 15.06 7.70
N ASP B 124 -21.50 14.13 7.24
CA ASP B 124 -22.18 13.16 8.17
C ASP B 124 -21.10 12.33 8.95
N VAL B 125 -20.18 11.78 8.20
CA VAL B 125 -19.06 11.02 8.79
C VAL B 125 -18.22 11.82 9.80
N LEU B 126 -17.93 13.05 9.41
CA LEU B 126 -17.29 13.99 10.30
C LEU B 126 -18.06 14.18 11.60
N GLN B 127 -19.34 14.50 11.50
CA GLN B 127 -20.09 14.80 12.69
C GLN B 127 -20.26 13.57 13.59
N THR B 128 -20.43 12.42 12.94
CA THR B 128 -20.64 11.17 13.68
C THR B 128 -19.33 10.81 14.42
N ALA B 129 -18.21 11.02 13.75
CA ALA B 129 -16.86 10.90 14.47
C ALA B 129 -16.70 11.85 15.67
N HIS B 130 -17.10 13.11 15.50
CA HIS B 130 -17.16 14.05 16.58
C HIS B 130 -18.03 13.62 17.73
N PHE B 131 -19.17 12.99 17.41
CA PHE B 131 -20.04 12.49 18.38
C PHE B 131 -19.42 11.30 19.10
N LEU B 132 -18.85 10.36 18.33
CA LEU B 132 -18.28 9.17 18.95
C LEU B 132 -17.21 9.44 19.99
N LEU B 133 -16.39 10.43 19.68
CA LEU B 133 -15.32 10.84 20.61
C LEU B 133 -15.77 11.26 21.98
N GLN B 134 -17.03 11.68 22.18
CA GLN B 134 -17.54 12.27 23.44
C GLN B 134 -18.07 11.26 24.45
N ALA B 135 -18.00 9.98 24.17
CA ALA B 135 -18.34 8.98 25.17
C ALA B 135 -17.45 9.17 26.44
N GLU B 136 -18.09 9.30 27.58
CA GLU B 136 -17.42 9.38 28.94
C GLU B 136 -16.25 8.41 29.06
N ALA B 137 -16.49 7.16 28.59
CA ALA B 137 -15.47 6.07 28.69
C ALA B 137 -14.19 6.46 27.97
N LEU B 138 -14.27 7.29 26.97
CA LEU B 138 -13.09 7.81 26.30
C LEU B 138 -12.70 9.18 26.81
N ASP B 139 -13.27 9.69 27.92
CA ASP B 139 -12.91 11.06 28.39
C ASP B 139 -11.33 11.10 28.64
N ASP B 140 -10.70 12.25 28.32
CA ASP B 140 -9.30 12.59 28.69
C ASP B 140 -8.21 11.63 28.06
N VAL B 141 -8.53 10.88 26.99
CA VAL B 141 -7.67 9.80 26.44
C VAL B 141 -6.79 10.16 25.20
N PHE B 142 -7.37 10.94 24.28
CA PHE B 142 -6.75 11.17 23.02
C PHE B 142 -6.04 12.52 23.15
N SER B 143 -4.85 12.64 22.61
CA SER B 143 -4.21 13.91 22.50
C SER B 143 -5.05 14.73 21.52
N ASP B 144 -4.78 16.02 21.58
CA ASP B 144 -5.40 16.96 20.69
C ASP B 144 -5.05 16.60 19.19
N LEU B 145 -3.75 16.33 18.94
CA LEU B 145 -3.19 15.94 17.65
C LEU B 145 -3.91 14.72 17.09
N GLU B 146 -4.26 13.79 17.97
CA GLU B 146 -5.02 12.62 17.51
C GLU B 146 -6.44 12.97 17.17
N ILE B 147 -7.07 13.84 17.96
CA ILE B 147 -8.47 14.34 17.65
C ILE B 147 -8.42 15.13 16.37
N LEU B 148 -7.42 15.98 16.20
CA LEU B 148 -7.25 16.69 14.93
C LEU B 148 -7.21 15.75 13.71
N ALA B 149 -6.37 14.73 13.85
CA ALA B 149 -6.21 13.66 12.82
C ALA B 149 -7.49 12.96 12.39
N VAL B 150 -8.24 12.51 13.39
CA VAL B 150 -9.42 11.67 13.03
C VAL B 150 -10.55 12.56 12.35
N LEU B 151 -10.69 13.75 12.87
CA LEU B 151 -11.72 14.67 12.30
C LEU B 151 -11.34 15.21 10.90
N PHE B 152 -10.08 15.56 10.69
CA PHE B 152 -9.57 15.84 9.36
C PHE B 152 -9.74 14.66 8.43
N ALA B 153 -9.39 13.49 8.97
CA ALA B 153 -9.55 12.25 8.11
C ALA B 153 -10.98 12.06 7.61
N ALA B 154 -11.91 12.24 8.57
CA ALA B 154 -13.30 12.07 8.23
C ALA B 154 -13.81 13.01 7.16
N ALA B 155 -13.40 14.27 7.24
CA ALA B 155 -13.81 15.22 6.27
C ALA B 155 -13.27 14.94 4.88
N ILE B 156 -12.03 14.44 4.82
CA ILE B 156 -11.41 14.12 3.49
C ILE B 156 -11.59 12.72 2.99
N HIS B 157 -12.25 11.84 3.77
CA HIS B 157 -11.99 10.39 3.50
C HIS B 157 -12.61 9.86 2.23
N ASP B 158 -13.58 10.53 1.65
CA ASP B 158 -14.07 10.14 0.30
C ASP B 158 -13.86 11.18 -0.79
N VAL B 159 -12.86 12.06 -0.66
CA VAL B 159 -12.78 13.18 -1.60
C VAL B 159 -12.48 12.70 -3.04
N ASP B 160 -13.18 13.28 -3.99
CA ASP B 160 -13.08 12.98 -5.44
C ASP B 160 -13.55 11.60 -5.73
N HIS B 161 -14.45 11.06 -4.95
CA HIS B 161 -15.00 9.73 -5.25
C HIS B 161 -15.77 9.82 -6.65
N PRO B 162 -15.56 8.87 -7.55
CA PRO B 162 -16.24 8.87 -8.81
C PRO B 162 -17.53 8.12 -8.85
N GLY B 163 -17.98 7.51 -7.74
CA GLY B 163 -19.25 6.82 -7.75
C GLY B 163 -19.21 5.42 -8.27
N VAL B 164 -18.05 4.85 -8.31
CA VAL B 164 -17.97 3.38 -8.47
C VAL B 164 -17.05 2.77 -7.33
N THR B 165 -17.09 1.46 -7.14
CA THR B 165 -16.27 0.79 -6.07
C THR B 165 -14.86 0.44 -6.54
N ASN B 166 -14.02 0.14 -5.55
CA ASN B 166 -12.65 -0.40 -5.79
C ASN B 166 -12.70 -1.58 -6.73
N GLN B 167 -13.67 -2.48 -6.54
CA GLN B 167 -13.65 -3.76 -7.32
C GLN B 167 -13.93 -3.41 -8.79
N PHE B 168 -14.83 -2.45 -9.01
CA PHE B 168 -15.08 -2.02 -10.40
C PHE B 168 -13.83 -1.42 -11.09
N LEU B 169 -13.07 -0.61 -10.33
CA LEU B 169 -11.80 -0.07 -10.88
C LEU B 169 -10.85 -1.18 -11.38
N ILE B 170 -10.69 -2.20 -10.51
CA ILE B 170 -9.92 -3.39 -10.76
C ILE B 170 -10.42 -4.29 -11.91
N ASN B 171 -11.74 -4.52 -12.10
CA ASN B 171 -12.28 -5.39 -13.21
C ASN B 171 -12.24 -4.67 -14.55
N THR B 172 -12.25 -3.33 -14.56
CA THR B 172 -12.05 -2.57 -15.81
C THR B 172 -10.58 -2.29 -16.12
N GLY B 173 -9.68 -2.69 -15.21
CA GLY B 173 -8.29 -2.21 -15.27
C GLY B 173 -8.21 -0.69 -15.42
N HIS B 174 -9.03 0.00 -14.68
CA HIS B 174 -8.88 1.43 -14.59
C HIS B 174 -7.41 1.88 -14.19
N GLU B 175 -6.96 2.96 -14.81
CA GLU B 175 -5.68 3.58 -14.46
C GLU B 175 -5.31 3.68 -12.92
N LEU B 176 -6.22 4.01 -12.02
CA LEU B 176 -5.92 4.17 -10.60
C LEU B 176 -5.72 2.76 -10.03
N ALA B 177 -6.46 1.77 -10.56
CA ALA B 177 -6.28 0.38 -10.12
C ALA B 177 -4.88 -0.14 -10.51
N LEU B 178 -4.46 0.19 -11.71
CA LEU B 178 -3.16 -0.19 -12.14
C LEU B 178 -2.09 0.47 -11.36
N GLN B 179 -2.29 1.72 -11.11
CA GLN B 179 -1.37 2.51 -10.35
C GLN B 179 -1.16 2.14 -8.92
N TYR B 180 -2.22 1.77 -8.25
CA TYR B 180 -2.14 1.31 -6.87
C TYR B 180 -2.07 -0.23 -6.64
N ASN B 181 -1.93 -0.91 -7.72
CA ASN B 181 -1.75 -2.36 -7.72
C ASN B 181 -2.93 -3.06 -6.98
N ASP B 182 -4.11 -2.53 -7.14
CA ASP B 182 -5.35 -3.12 -6.59
C ASP B 182 -5.48 -2.87 -5.13
N ALA B 183 -4.56 -2.22 -4.48
CA ALA B 183 -4.64 -2.11 -3.01
C ALA B 183 -5.33 -0.72 -2.63
N SER B 184 -6.47 -0.78 -1.92
CA SER B 184 -7.10 0.40 -1.43
C SER B 184 -7.20 1.52 -2.50
N VAL B 185 -7.72 1.21 -3.68
CA VAL B 185 -7.47 2.04 -4.81
C VAL B 185 -8.01 3.48 -4.53
N LEU B 186 -9.24 3.55 -4.10
CA LEU B 186 -9.90 4.84 -3.85
C LEU B 186 -9.40 5.57 -2.65
N GLU B 187 -9.20 4.81 -1.60
CA GLU B 187 -8.80 5.35 -0.34
C GLU B 187 -7.43 6.06 -0.53
N ASN B 188 -6.53 5.38 -1.17
CA ASN B 188 -5.24 5.98 -1.60
C ASN B 188 -5.45 7.33 -2.40
N HIS B 189 -6.43 7.36 -3.37
CA HIS B 189 -6.75 8.49 -4.24
C HIS B 189 -7.30 9.68 -3.42
N HIS B 190 -8.18 9.38 -2.38
CA HIS B 190 -8.78 10.28 -1.53
C HIS B 190 -7.70 10.97 -0.77
N LEU B 191 -6.80 10.21 -0.20
CA LEU B 191 -5.65 10.80 0.50
C LEU B 191 -4.74 11.69 -0.40
N TYR B 192 -4.44 11.17 -1.56
CA TYR B 192 -3.61 11.92 -2.49
C TYR B 192 -4.25 13.31 -2.83
N MET B 193 -5.54 13.31 -3.20
CA MET B 193 -6.22 14.55 -3.47
C MET B 193 -6.26 15.53 -2.35
N ALA B 194 -6.55 15.03 -1.17
CA ALA B 194 -6.55 15.88 0.02
C ALA B 194 -5.15 16.55 0.30
N PHE B 195 -4.14 15.77 0.23
CA PHE B 195 -2.87 16.31 0.47
C PHE B 195 -2.32 17.21 -0.66
N LYS B 196 -2.76 17.03 -1.92
CA LYS B 196 -2.30 17.89 -3.09
C LYS B 196 -2.99 19.28 -2.82
N ILE B 197 -4.20 19.29 -2.24
CA ILE B 197 -4.91 20.55 -2.07
C ILE B 197 -4.20 21.40 -0.99
N LEU B 198 -3.66 20.74 0.05
CA LEU B 198 -2.82 21.44 1.08
C LEU B 198 -1.62 22.26 0.53
N THR B 199 -1.13 21.78 -0.56
CA THR B 199 -0.07 22.43 -1.49
C THR B 199 -0.49 23.67 -2.26
N GLU B 200 -1.75 24.03 -2.30
CA GLU B 200 -2.16 25.16 -3.10
C GLU B 200 -1.92 26.46 -2.30
N LYS B 201 -1.69 27.60 -3.04
CA LYS B 201 -1.39 28.90 -2.50
C LYS B 201 -2.45 29.20 -1.43
N ASP B 202 -2.00 29.38 -0.16
CA ASP B 202 -2.75 29.87 1.01
C ASP B 202 -3.82 28.85 1.46
N CYS B 203 -3.58 27.54 1.23
CA CYS B 203 -4.46 26.47 1.69
C CYS B 203 -3.82 25.59 2.71
N ASP B 204 -2.62 25.95 3.17
CA ASP B 204 -1.88 25.03 4.01
C ASP B 204 -2.32 25.14 5.47
N ILE B 205 -3.40 24.45 5.87
CA ILE B 205 -3.92 24.67 7.19
C ILE B 205 -2.95 24.26 8.36
N PHE B 206 -1.98 23.34 8.10
CA PHE B 206 -1.00 22.89 9.06
C PHE B 206 0.30 23.61 8.96
N ALA B 207 0.38 24.62 8.10
CA ALA B 207 1.59 25.48 8.03
C ALA B 207 2.24 25.91 9.36
N ASN B 208 1.51 25.91 10.47
CA ASN B 208 2.06 26.38 11.76
C ASN B 208 2.29 25.26 12.76
N LEU B 209 2.14 23.99 12.40
CA LEU B 209 2.73 22.92 13.21
C LEU B 209 4.21 22.80 12.88
N GLY B 210 5.02 22.42 13.89
CA GLY B 210 6.44 22.00 13.69
C GLY B 210 6.52 20.81 12.73
N GLY B 211 7.68 20.57 12.10
CA GLY B 211 7.94 19.36 11.24
C GLY B 211 7.62 18.01 11.88
N LYS B 212 7.95 17.86 13.17
CA LYS B 212 7.72 16.59 13.91
C LYS B 212 6.20 16.40 14.06
N LYS B 213 5.46 17.40 14.54
CA LYS B 213 4.00 17.28 14.64
C LYS B 213 3.43 17.09 13.20
N ARG B 214 3.94 17.71 12.13
CA ARG B 214 3.32 17.53 10.79
C ARG B 214 3.57 16.13 10.24
N GLN B 215 4.75 15.58 10.48
CA GLN B 215 5.06 14.14 10.03
C GLN B 215 4.10 13.15 10.76
N THR B 216 3.90 13.37 12.08
CA THR B 216 3.14 12.37 12.85
C THR B 216 1.65 12.58 12.49
N LEU B 217 1.28 13.85 12.23
CA LEU B 217 -0.05 14.07 11.76
C LEU B 217 -0.37 13.37 10.40
N ARG B 218 0.49 13.61 9.40
CA ARG B 218 0.39 12.94 8.08
C ARG B 218 0.26 11.35 8.19
N ARG B 219 1.13 10.72 8.94
CA ARG B 219 1.09 9.26 9.11
C ARG B 219 -0.26 8.82 9.71
N MET B 220 -0.75 9.60 10.70
CA MET B 220 -2.05 9.31 11.33
C MET B 220 -3.22 9.44 10.36
N VAL B 221 -3.20 10.48 9.58
CA VAL B 221 -4.29 10.68 8.62
C VAL B 221 -4.34 9.59 7.58
N ILE B 222 -3.17 9.16 7.12
CA ILE B 222 -3.04 8.10 6.13
C ILE B 222 -3.67 6.76 6.70
N GLU B 223 -3.20 6.37 7.89
CA GLU B 223 -3.68 5.19 8.56
C GLU B 223 -5.20 5.27 8.78
N LEU B 224 -5.74 6.48 9.05
CA LEU B 224 -7.14 6.61 9.32
C LEU B 224 -7.96 6.47 8.11
N VAL B 225 -7.58 7.14 7.01
CA VAL B 225 -8.46 7.03 5.80
C VAL B 225 -8.33 5.58 5.18
N LEU B 226 -7.15 4.98 5.31
CA LEU B 226 -6.94 3.61 4.84
C LEU B 226 -7.88 2.62 5.62
N ALA B 227 -8.14 2.90 6.87
CA ALA B 227 -9.08 2.14 7.66
C ALA B 227 -10.49 2.20 7.20
N THR B 228 -10.82 2.98 6.18
CA THR B 228 -12.11 3.02 5.64
C THR B 228 -12.31 2.04 4.53
N ASP B 229 -11.25 1.48 4.07
CA ASP B 229 -11.25 0.40 3.04
C ASP B 229 -11.90 -0.86 3.66
N MET B 230 -12.99 -1.33 3.02
CA MET B 230 -13.73 -2.57 3.46
C MET B 230 -12.78 -3.78 3.59
N SER B 231 -11.72 -3.83 2.78
CA SER B 231 -10.91 -4.95 2.85
C SER B 231 -10.12 -4.91 4.19
N LYS B 232 -10.33 -3.94 5.06
CA LYS B 232 -9.66 -3.97 6.37
C LYS B 232 -10.58 -4.29 7.50
N HIS B 233 -11.84 -4.26 7.19
CA HIS B 233 -12.90 -4.40 8.20
C HIS B 233 -12.68 -5.67 9.16
N MET B 234 -12.36 -6.78 8.59
CA MET B 234 -12.26 -8.01 9.40
C MET B 234 -11.12 -7.88 10.42
N SER B 235 -9.94 -7.50 9.93
CA SER B 235 -8.81 -7.31 10.81
C SER B 235 -9.00 -6.22 11.95
N LEU B 236 -9.54 -5.07 11.60
CA LEU B 236 -9.73 -4.00 12.61
C LEU B 236 -10.69 -4.44 13.78
N LEU B 237 -11.77 -5.09 13.38
CA LEU B 237 -12.76 -5.60 14.25
C LEU B 237 -12.12 -6.74 15.11
N ALA B 238 -11.35 -7.66 14.53
CA ALA B 238 -10.66 -8.66 15.42
C ALA B 238 -9.76 -7.85 16.47
N ASP B 239 -9.13 -6.78 16.03
CA ASP B 239 -8.36 -5.97 16.93
C ASP B 239 -9.17 -5.31 18.04
N LEU B 240 -10.34 -4.81 17.72
CA LEU B 240 -11.15 -4.08 18.66
C LEU B 240 -11.66 -5.19 19.72
N ARG B 241 -12.24 -6.31 19.21
CA ARG B 241 -12.68 -7.45 20.07
C ARG B 241 -11.63 -7.81 21.09
N THR B 242 -10.37 -7.81 20.63
CA THR B 242 -9.21 -8.23 21.46
C THR B 242 -8.97 -7.25 22.58
N MET B 243 -8.93 -5.99 22.17
CA MET B 243 -8.85 -4.91 23.11
C MET B 243 -9.98 -4.92 24.18
N VAL B 244 -11.23 -5.09 23.77
CA VAL B 244 -12.40 -5.08 24.68
C VAL B 244 -12.26 -6.19 25.67
N GLU B 245 -11.99 -7.37 25.11
CA GLU B 245 -11.61 -8.51 25.96
C GLU B 245 -10.43 -8.29 26.91
N THR B 246 -10.03 -7.07 27.26
CA THR B 246 -9.12 -6.84 28.40
C THR B 246 -9.84 -6.14 29.61
N ASN B 256 -8.03 1.68 30.18
CA ASN B 256 -6.57 1.72 29.90
C ASN B 256 -6.10 1.76 28.39
N LEU B 257 -5.29 2.78 28.03
CA LEU B 257 -4.43 2.79 26.81
C LEU B 257 -3.57 4.06 26.63
N ASP B 258 -2.28 3.95 26.91
CA ASP B 258 -1.26 5.04 26.63
C ASP B 258 -0.09 4.64 25.64
N ASN B 259 -0.31 3.52 24.97
CA ASN B 259 0.44 3.16 23.79
C ASN B 259 -0.44 3.76 22.63
N TYR B 260 0.22 4.57 21.81
CA TYR B 260 -0.18 4.91 20.48
C TYR B 260 -0.86 3.69 19.90
N ALA B 261 -0.20 2.53 19.88
CA ALA B 261 -0.67 1.37 19.10
C ALA B 261 -2.19 1.06 19.29
N ASP B 262 -2.61 1.12 20.57
CA ASP B 262 -3.99 0.83 20.94
C ASP B 262 -4.94 1.94 20.58
N ARG B 263 -4.59 3.18 21.00
CA ARG B 263 -5.35 4.44 20.67
C ARG B 263 -5.67 4.56 19.19
N ILE B 264 -4.63 4.34 18.38
CA ILE B 264 -4.74 4.45 16.94
C ILE B 264 -5.64 3.32 16.38
N GLN B 265 -5.51 2.11 16.88
CA GLN B 265 -6.49 1.06 16.54
C GLN B 265 -7.93 1.48 16.99
N ILE B 266 -8.07 2.25 18.07
CA ILE B 266 -9.43 2.60 18.46
C ILE B 266 -9.93 3.64 17.44
N LEU B 267 -9.10 4.60 17.13
CA LEU B 267 -9.51 5.66 16.13
C LEU B 267 -9.77 5.13 14.70
N GLN B 268 -9.03 4.10 14.27
CA GLN B 268 -9.36 3.37 13.05
C GLN B 268 -10.66 2.72 13.11
N ASN B 269 -11.00 2.08 14.23
CA ASN B 269 -12.34 1.51 14.32
C ASN B 269 -13.37 2.58 14.38
N MET B 270 -13.08 3.64 15.09
CA MET B 270 -14.03 4.72 15.18
C MET B 270 -14.45 5.39 13.86
N ILE B 271 -13.48 5.75 13.01
CA ILE B 271 -13.86 6.35 11.73
C ILE B 271 -14.58 5.35 10.88
N HIS B 272 -14.16 4.09 10.94
CA HIS B 272 -14.84 3.06 10.12
C HIS B 272 -16.33 2.87 10.59
N CYS B 273 -16.54 2.91 11.92
CA CYS B 273 -17.92 2.96 12.56
C CYS B 273 -18.75 4.17 11.99
N ALA B 274 -18.09 5.33 12.01
CA ALA B 274 -18.79 6.58 11.52
C ALA B 274 -19.18 6.41 10.08
N ASP B 275 -18.26 5.88 9.28
CA ASP B 275 -18.54 5.61 7.89
C ASP B 275 -19.69 4.63 7.68
N LEU B 276 -19.86 3.67 8.64
CA LEU B 276 -20.87 2.66 8.50
C LEU B 276 -21.99 2.93 9.48
N SER B 277 -22.29 4.23 9.76
CA SER B 277 -23.20 4.58 10.76
C SER B 277 -24.64 4.61 10.28
N ASN B 278 -24.85 4.68 8.99
CA ASN B 278 -26.12 4.94 8.47
C ASN B 278 -27.20 3.98 9.03
N PRO B 279 -26.97 2.68 9.11
CA PRO B 279 -28.04 1.80 9.54
C PRO B 279 -28.37 1.95 11.01
N ALA B 280 -27.49 2.61 11.75
CA ALA B 280 -27.74 2.85 13.16
C ALA B 280 -28.29 4.25 13.37
N LYS B 281 -28.55 4.99 12.25
CA LYS B 281 -29.19 6.34 12.36
C LYS B 281 -30.76 6.22 12.40
N PRO B 282 -31.49 7.24 12.88
CA PRO B 282 -33.00 7.26 12.84
C PRO B 282 -33.41 6.91 11.40
N LEU B 283 -34.51 6.22 11.29
CA LEU B 283 -34.84 5.46 10.16
C LEU B 283 -35.03 6.30 8.93
N ARG B 284 -35.65 7.48 9.11
CA ARG B 284 -35.83 8.34 8.01
C ARG B 284 -34.48 8.70 7.43
N LEU B 285 -33.50 8.92 8.25
CA LEU B 285 -32.14 9.37 7.70
C LEU B 285 -31.42 8.16 7.06
N TYR B 286 -31.52 6.98 7.76
CA TYR B 286 -31.02 5.67 7.21
C TYR B 286 -31.56 5.40 5.81
N ARG B 287 -32.86 5.51 5.68
CA ARG B 287 -33.49 5.30 4.36
C ARG B 287 -33.11 6.30 3.33
N LYS B 288 -32.87 7.52 3.77
CA LYS B 288 -32.43 8.49 2.76
C LYS B 288 -31.08 8.21 2.17
N TRP B 289 -30.14 7.93 3.07
CA TRP B 289 -28.76 7.58 2.74
C TRP B 289 -28.81 6.33 1.92
N THR B 290 -29.67 5.41 2.29
CA THR B 290 -29.74 4.12 1.50
C THR B 290 -30.21 4.28 0.05
N GLY B 291 -31.15 5.18 -0.17
CA GLY B 291 -31.74 5.38 -1.52
C GLY B 291 -30.70 5.93 -2.45
N ARG B 292 -29.91 6.82 -1.86
CA ARG B 292 -28.75 7.33 -2.54
C ARG B 292 -27.65 6.35 -2.85
N LEU B 293 -27.16 5.62 -1.84
CA LEU B 293 -26.16 4.51 -2.10
C LEU B 293 -26.58 3.57 -3.21
N ILE B 294 -27.83 3.14 -3.14
CA ILE B 294 -28.38 2.15 -4.14
C ILE B 294 -28.46 2.79 -5.50
N GLU B 295 -28.79 4.07 -5.58
CA GLU B 295 -28.89 4.76 -6.90
C GLU B 295 -27.45 4.82 -7.52
N GLU B 296 -26.45 4.93 -6.64
CA GLU B 296 -25.11 4.98 -7.07
C GLU B 296 -24.63 3.60 -7.59
N PHE B 297 -24.82 2.58 -6.76
CA PHE B 297 -24.57 1.16 -7.09
C PHE B 297 -25.31 0.70 -8.35
N PHE B 298 -26.63 0.93 -8.37
CA PHE B 298 -27.40 0.54 -9.54
C PHE B 298 -26.79 1.14 -10.81
N ARG B 299 -26.36 2.43 -10.74
CA ARG B 299 -25.73 3.19 -11.90
C ARG B 299 -24.42 2.52 -12.45
N GLN B 300 -23.65 2.03 -11.48
CA GLN B 300 -22.51 1.17 -11.62
C GLN B 300 -22.90 -0.15 -12.29
N GLY B 301 -23.97 -0.81 -11.79
CA GLY B 301 -24.50 -2.04 -12.42
C GLY B 301 -24.81 -1.91 -13.92
N ASP B 302 -25.30 -0.74 -14.33
CA ASP B 302 -25.58 -0.38 -15.72
C ASP B 302 -24.33 -0.25 -16.59
N LYS B 303 -23.25 0.40 -16.09
CA LYS B 303 -21.97 0.38 -16.84
C LYS B 303 -21.37 -1.07 -16.87
N GLU B 304 -21.61 -1.86 -15.83
CA GLU B 304 -21.17 -3.28 -15.70
C GLU B 304 -22.04 -4.25 -16.58
N ARG B 305 -23.32 -3.88 -16.76
CA ARG B 305 -24.29 -4.50 -17.69
C ARG B 305 -24.03 -4.01 -19.14
N GLU B 306 -23.95 -2.67 -19.37
CA GLU B 306 -23.69 -2.04 -20.72
C GLU B 306 -22.22 -2.13 -21.16
N LEU B 307 -21.41 -2.86 -20.40
CA LEU B 307 -20.13 -3.46 -20.91
C LEU B 307 -20.01 -5.00 -20.76
N SER B 308 -21.12 -5.72 -20.64
CA SER B 308 -21.06 -7.19 -20.80
C SER B 308 -20.34 -8.00 -19.70
N LEU B 309 -20.13 -7.39 -18.49
CA LEU B 309 -19.42 -7.98 -17.28
C LEU B 309 -20.37 -8.52 -16.10
N GLU B 310 -19.78 -9.33 -15.17
CA GLU B 310 -20.48 -9.95 -13.97
C GLU B 310 -20.87 -8.84 -12.94
N ILE B 311 -22.08 -8.26 -13.16
CA ILE B 311 -22.61 -7.07 -12.43
C ILE B 311 -22.25 -7.18 -10.98
N SER B 312 -21.79 -6.08 -10.47
CA SER B 312 -20.99 -6.14 -9.30
C SER B 312 -22.13 -6.47 -8.13
N PRO B 313 -21.72 -6.83 -6.85
CA PRO B 313 -22.86 -7.17 -5.86
C PRO B 313 -23.73 -5.93 -5.37
N MET B 314 -24.98 -6.22 -5.03
CA MET B 314 -26.06 -5.25 -4.92
C MET B 314 -26.15 -4.22 -6.03
N CYS B 315 -25.66 -4.48 -7.25
CA CYS B 315 -25.68 -3.42 -8.28
C CYS B 315 -26.62 -3.63 -9.41
N ASP B 316 -27.34 -4.76 -9.39
CA ASP B 316 -28.30 -5.16 -10.45
C ASP B 316 -29.69 -4.61 -10.15
N ARG B 317 -30.08 -3.57 -10.90
CA ARG B 317 -31.47 -3.06 -10.94
C ARG B 317 -32.46 -4.26 -10.92
N GLU B 318 -32.54 -5.05 -12.00
CA GLU B 318 -33.19 -6.41 -12.07
C GLU B 318 -32.68 -7.32 -10.93
N SER B 319 -33.59 -7.91 -10.16
CA SER B 319 -33.26 -8.83 -9.05
C SER B 319 -32.13 -8.60 -8.02
N VAL B 320 -31.93 -7.38 -7.52
CA VAL B 320 -31.40 -7.19 -6.14
C VAL B 320 -32.62 -6.93 -5.19
N GLU B 321 -32.74 -7.67 -4.08
CA GLU B 321 -33.76 -7.42 -3.05
C GLU B 321 -33.32 -6.35 -2.02
N VAL B 322 -33.75 -5.12 -2.21
CA VAL B 322 -33.20 -4.07 -1.42
C VAL B 322 -33.39 -4.27 0.08
N GLU B 323 -34.55 -4.71 0.55
CA GLU B 323 -34.77 -4.84 2.00
C GLU B 323 -33.94 -6.01 2.53
N LYS B 324 -33.99 -7.15 1.85
CA LYS B 324 -33.06 -8.29 2.17
C LYS B 324 -31.55 -7.89 2.21
N SER B 325 -31.12 -7.13 1.18
CA SER B 325 -29.72 -6.60 1.05
C SER B 325 -29.36 -5.78 2.22
N GLN B 326 -30.26 -4.98 2.79
CA GLN B 326 -29.91 -4.29 4.04
C GLN B 326 -29.85 -5.17 5.25
N VAL B 327 -30.81 -6.02 5.41
CA VAL B 327 -30.78 -6.97 6.56
C VAL B 327 -29.46 -7.80 6.62
N SER B 328 -29.10 -8.27 5.45
CA SER B 328 -27.80 -8.99 5.27
C SER B 328 -26.54 -8.07 5.64
N PHE B 329 -26.54 -6.85 5.14
CA PHE B 329 -25.46 -5.91 5.53
C PHE B 329 -25.41 -5.66 7.05
N ILE B 330 -26.59 -5.56 7.71
CA ILE B 330 -26.58 -5.38 9.13
C ILE B 330 -26.01 -6.62 9.87
N ASP B 331 -26.52 -7.77 9.48
CA ASP B 331 -26.27 -9.03 10.26
C ASP B 331 -24.84 -9.47 10.26
N PHE B 332 -24.26 -9.28 9.02
CA PHE B 332 -22.92 -9.79 8.71
C PHE B 332 -21.80 -8.75 8.86
N VAL B 333 -22.14 -7.46 8.85
CA VAL B 333 -21.10 -6.35 8.75
C VAL B 333 -21.34 -5.31 9.83
N CYS B 334 -22.49 -4.66 9.78
CA CYS B 334 -22.72 -3.48 10.63
C CYS B 334 -23.00 -3.84 12.10
N HIS B 335 -23.84 -4.88 12.35
CA HIS B 335 -24.09 -5.27 13.71
C HIS B 335 -22.85 -5.85 14.54
N PRO B 336 -22.14 -6.79 13.95
CA PRO B 336 -20.88 -7.16 14.57
C PRO B 336 -19.89 -6.02 14.91
N LEU B 337 -19.86 -4.97 14.08
CA LEU B 337 -18.99 -3.87 14.33
C LEU B 337 -19.55 -3.10 15.47
N TRP B 338 -20.78 -2.61 15.33
CA TRP B 338 -21.37 -1.71 16.43
C TRP B 338 -21.51 -2.40 17.82
N GLU B 339 -21.85 -3.67 17.79
CA GLU B 339 -21.85 -4.37 19.06
C GLU B 339 -20.49 -4.27 19.83
N THR B 340 -19.38 -4.46 19.07
CA THR B 340 -18.10 -4.41 19.68
C THR B 340 -17.78 -3.00 20.14
N TRP B 341 -18.11 -1.98 19.28
CA TRP B 341 -17.75 -0.65 19.60
C TRP B 341 -18.51 -0.31 20.88
N CYS B 342 -19.80 -0.67 20.90
CA CYS B 342 -20.63 -0.34 22.02
C CYS B 342 -20.19 -1.06 23.33
N ASP B 343 -19.80 -2.33 23.20
CA ASP B 343 -19.11 -3.10 24.28
C ASP B 343 -17.86 -2.25 24.74
N LEU B 344 -17.01 -1.78 23.80
CA LEU B 344 -15.86 -0.95 24.23
C LEU B 344 -16.17 0.24 25.17
N VAL B 345 -17.19 0.99 24.82
CA VAL B 345 -17.52 2.23 25.48
C VAL B 345 -18.69 2.04 26.49
N HIS B 346 -19.17 0.78 26.74
CA HIS B 346 -20.19 0.36 27.84
C HIS B 346 -20.39 1.46 28.85
N PRO B 347 -21.56 2.11 28.96
CA PRO B 347 -22.79 1.90 28.15
C PRO B 347 -23.09 3.16 27.31
N CYS B 348 -22.01 3.88 26.95
CA CYS B 348 -22.09 5.26 26.54
C CYS B 348 -22.77 5.43 25.14
N ALA B 349 -23.06 4.32 24.45
CA ALA B 349 -23.53 4.21 23.06
C ALA B 349 -24.67 3.16 22.83
N GLN B 350 -25.36 2.89 23.90
CA GLN B 350 -26.50 2.02 23.91
C GLN B 350 -27.61 2.41 22.87
N LEU B 351 -27.85 3.73 22.72
CA LEU B 351 -28.85 4.19 21.73
C LEU B 351 -28.57 3.75 20.33
N ILE B 352 -27.27 3.64 20.01
CA ILE B 352 -26.86 3.40 18.68
C ILE B 352 -27.20 1.95 18.32
N LEU B 353 -26.78 1.09 19.26
CA LEU B 353 -27.03 -0.36 19.14
C LEU B 353 -28.56 -0.59 19.20
N ASP B 354 -29.27 0.16 20.05
CA ASP B 354 -30.78 0.04 19.97
C ASP B 354 -31.45 0.41 18.60
N THR B 355 -30.93 1.44 17.90
CA THR B 355 -31.68 1.92 16.71
C THR B 355 -31.28 0.92 15.60
N LEU B 356 -30.02 0.47 15.67
CA LEU B 356 -29.51 -0.47 14.69
C LEU B 356 -30.38 -1.72 14.70
N GLU B 357 -30.66 -2.15 15.91
CA GLU B 357 -31.55 -3.40 16.09
C GLU B 357 -32.98 -3.17 15.63
N ASP B 358 -33.53 -1.96 15.94
CA ASP B 358 -34.88 -1.60 15.42
C ASP B 358 -34.96 -1.52 13.89
N ASN B 359 -33.97 -0.94 13.20
CA ASN B 359 -34.10 -0.70 11.77
C ASN B 359 -33.96 -2.03 11.07
N ARG B 360 -33.07 -2.84 11.67
CA ARG B 360 -32.93 -4.29 11.23
C ARG B 360 -34.32 -4.96 11.24
N ASP B 361 -34.97 -4.91 12.36
CA ASP B 361 -36.39 -5.53 12.44
C ASP B 361 -37.46 -4.88 11.52
N TRP B 362 -37.39 -3.56 11.42
CA TRP B 362 -38.29 -2.86 10.55
C TRP B 362 -38.18 -3.44 9.15
N TYR B 363 -36.97 -3.48 8.60
CA TYR B 363 -36.70 -4.09 7.22
C TYR B 363 -37.08 -5.59 7.12
N GLU B 364 -36.74 -6.42 8.10
CA GLU B 364 -37.14 -7.81 8.08
C GLU B 364 -38.69 -7.88 7.74
N CYS B 365 -39.50 -7.13 8.50
CA CYS B 365 -40.92 -6.93 8.18
C CYS B 365 -41.36 -6.43 6.78
N HIS B 366 -40.65 -5.49 6.16
CA HIS B 366 -41.08 -4.84 4.86
C HIS B 366 -40.41 -5.48 3.58
N ILE B 367 -40.13 -6.77 3.64
CA ILE B 367 -39.45 -7.50 2.55
C ILE B 367 -40.51 -7.90 1.53
ZN ZN C . 16.87 -4.21 -6.21
MG MG D . 14.03 -1.78 -5.05
P CMP E . 17.24 -1.71 -4.03
O1P CMP E . 17.79 -2.99 -4.91
O2P CMP E . 15.87 -0.93 -4.46
O5' CMP E . 16.75 -2.27 -2.54
C5' CMP E . 17.61 -3.04 -1.73
C4' CMP E . 18.28 -1.95 -0.87
O4' CMP E . 19.30 -2.58 0.06
C3' CMP E . 18.91 -0.79 -1.69
O3' CMP E . 18.18 -0.44 -3.09
C2' CMP E . 19.59 -0.20 -0.34
O2' CMP E . 18.89 0.04 0.90
C1' CMP E . 20.26 -1.52 0.37
N9 CMP E . 21.64 -2.14 0.06
C8 CMP E . 22.02 -3.15 -0.82
N7 CMP E . 23.43 -3.35 -0.86
C5 CMP E . 23.85 -2.45 0.08
C6 CMP E . 25.16 -2.06 0.50
N6 CMP E . 26.16 -2.81 -0.03
N1 CMP E . 25.23 -1.06 1.43
C2 CMP E . 24.18 -0.34 1.88
N3 CMP E . 22.93 -0.64 1.52
C4 CMP E . 22.76 -1.66 0.63
ZN ZN F . -17.34 7.01 3.24
MG MG G . -14.50 5.36 1.08
P AMP H . -17.56 4.26 1.39
O1P AMP H . -18.71 3.63 0.47
O2P AMP H . -18.23 5.40 2.22
O3P AMP H . -16.19 4.71 0.52
O5' AMP H . -17.29 2.95 2.39
C5' AMP H . -18.28 2.22 3.02
C4' AMP H . -18.72 0.92 2.30
O4' AMP H . -19.65 0.29 3.30
C3' AMP H . -19.61 0.97 1.02
O3' AMP H . -19.04 1.36 -0.23
C2' AMP H . -20.38 -0.34 1.09
O2' AMP H . -19.47 -1.42 0.87
C1' AMP H . -20.70 -0.37 2.57
N9 AMP H . -21.96 0.25 3.03
C8 AMP H . -22.20 1.43 3.74
N7 AMP H . -23.51 1.62 3.98
C5 AMP H . -24.14 0.54 3.44
C6 AMP H . -25.56 0.10 3.36
N6 AMP H . -26.57 0.86 3.90
N1 AMP H . -25.75 -1.05 2.73
C2 AMP H . -24.79 -1.81 2.15
N3 AMP H . -23.49 -1.48 2.19
C4 AMP H . -23.13 -0.35 2.83
#